data_7X9D
#
_entry.id   7X9D
#
_cell.length_a   72.023
_cell.length_b   236.161
_cell.length_c   230.652
_cell.angle_alpha   90.000
_cell.angle_beta   90.000
_cell.angle_gamma   90.000
#
_symmetry.space_group_name_H-M   'C 2 2 21'
#
loop_
_entity.id
_entity.type
_entity.pdbx_description
1 polymer 'DNA (cytosine-5)-methyltransferase 3B'
2 polymer 'DNA (cytosine-5)-methyltransferase 3-like'
3 non-polymer 7-METHOXY-1-METHYL-9H-BETA-CARBOLINE
#
loop_
_entity_poly.entity_id
_entity_poly.type
_entity_poly.pdbx_seq_one_letter_code
_entity_poly.pdbx_strand_id
1 'polypeptide(L)'
;GHMRRRPIRVLSLFDGIATGYLVLKELGIKVGKYVASEVCEESIAVGTVKHEGNIKYVNDVRNITKKNIEEWGPFDLVIG
GSPCNDLSNVNPARKGLYEGTGRLFFEFYHLLNYSRPKEGDDRPFFWMFENVVAMKVGDKRDISRFLECNPVMIDAIKVS
AAHRARYFWGNLPGMNRPVIASKNDKLELQDCLEYNRIAKLKKVQTITTKSNSIKQGKNQLFPVVMNGKEDVLWCTELER
IFGFPVHYTDVSNMGRGARQKLLGRSWSVPVIRHLFAPLKDYFACE
;
A,D
2 'polypeptide(L)'
;GHMFETVPVWRRQPVRVLSLFEDIKKELTSLGFLESGSDPGQLKHVVDVTDTVRKDVEEWGPFDLVYGATPPLGHTCDRP
PSWYLFQFHRLLQYARPKPGSPRPFFWMFVDNLVLNKEDLDVASRFLEMEPVTIPDVHGGSLQNAVRVWSNIPAIRSRHW
ALVSEEELSLLAQNKQSSKLAAKWPTKLVKNCFLPLREYFKYFS
;
B,C
#
# COMPACT_ATOMS: atom_id res chain seq x y z
N MET A 3 34.50 33.86 -1.25
CA MET A 3 35.28 32.90 -2.00
C MET A 3 35.49 31.63 -1.17
N ARG A 4 34.38 30.91 -0.93
CA ARG A 4 34.40 29.78 -0.02
C ARG A 4 33.08 29.02 -0.15
N ARG A 5 33.16 27.70 -0.07
CA ARG A 5 31.98 26.86 -0.25
C ARG A 5 31.14 26.83 1.03
N ARG A 6 29.85 27.09 0.89
CA ARG A 6 28.89 27.04 1.96
C ARG A 6 27.71 26.19 1.51
N PRO A 7 26.94 25.64 2.46
CA PRO A 7 25.78 24.81 2.08
C PRO A 7 24.78 25.59 1.24
N ILE A 8 24.05 24.85 0.39
CA ILE A 8 23.09 25.46 -0.51
C ILE A 8 21.80 25.75 0.23
N ARG A 9 21.15 26.84 -0.16
CA ARG A 9 19.90 27.29 0.46
C ARG A 9 18.82 27.29 -0.61
N VAL A 10 17.82 26.44 -0.45
CA VAL A 10 16.86 26.14 -1.50
C VAL A 10 15.48 26.63 -1.11
N LEU A 11 14.76 27.20 -2.09
CA LEU A 11 13.34 27.50 -1.97
C LEU A 11 12.63 26.68 -3.05
N SER A 12 11.85 25.70 -2.64
CA SER A 12 11.17 24.79 -3.56
C SER A 12 9.66 25.02 -3.46
N LEU A 13 9.10 25.62 -4.51
CA LEU A 13 7.67 25.85 -4.59
C LEU A 13 6.98 24.70 -5.31
N PHE A 14 5.83 24.30 -4.79
CA PHE A 14 5.12 23.10 -5.26
C PHE A 14 6.05 21.90 -5.25
N ASP A 15 6.52 21.58 -4.04
CA ASP A 15 7.63 20.63 -3.88
C ASP A 15 7.17 19.20 -4.14
N GLY A 16 6.07 18.78 -3.54
CA GLY A 16 5.59 17.42 -3.73
C GLY A 16 6.32 16.47 -2.83
N ILE A 17 6.86 15.40 -3.40
CA ILE A 17 7.54 14.37 -2.62
C ILE A 17 9.02 14.68 -2.51
N ALA A 18 9.38 15.96 -2.61
CA ALA A 18 10.74 16.43 -2.34
C ALA A 18 11.76 15.79 -3.27
N THR A 19 11.46 15.82 -4.58
CA THR A 19 12.43 15.35 -5.55
C THR A 19 13.68 16.21 -5.54
N GLY A 20 13.53 17.51 -5.29
CA GLY A 20 14.69 18.40 -5.27
C GLY A 20 15.66 18.07 -4.16
N TYR A 21 15.14 17.91 -2.94
CA TYR A 21 16.01 17.60 -1.81
C TYR A 21 16.69 16.25 -1.98
N LEU A 22 15.96 15.26 -2.48
CA LEU A 22 16.54 13.93 -2.69
C LEU A 22 17.65 13.97 -3.72
N VAL A 23 17.44 14.70 -4.82
CA VAL A 23 18.46 14.79 -5.85
C VAL A 23 19.68 15.55 -5.35
N LEU A 24 19.48 16.65 -4.62
CA LEU A 24 20.60 17.41 -4.09
C LEU A 24 21.41 16.59 -3.11
N LYS A 25 20.73 15.79 -2.27
CA LYS A 25 21.45 14.98 -1.30
C LYS A 25 22.17 13.81 -1.96
N GLU A 26 21.52 13.18 -2.96
CA GLU A 26 22.18 12.11 -3.70
C GLU A 26 23.43 12.61 -4.42
N LEU A 27 23.43 13.87 -4.84
CA LEU A 27 24.62 14.46 -5.45
C LEU A 27 25.70 14.79 -4.43
N GLY A 28 25.44 14.59 -3.14
CA GLY A 28 26.43 14.88 -2.13
C GLY A 28 26.61 16.34 -1.81
N ILE A 29 25.58 17.16 -2.02
CA ILE A 29 25.63 18.58 -1.75
C ILE A 29 25.04 18.83 -0.36
N LYS A 30 25.78 19.56 0.47
CA LYS A 30 25.28 19.92 1.80
C LYS A 30 24.14 20.92 1.66
N VAL A 31 22.97 20.55 2.16
CA VAL A 31 21.78 21.40 2.09
C VAL A 31 21.60 22.05 3.46
N GLY A 32 21.82 23.37 3.52
CA GLY A 32 21.69 24.08 4.79
C GLY A 32 20.25 24.47 5.11
N LYS A 33 19.45 24.71 4.08
CA LYS A 33 18.04 25.08 4.28
C LYS A 33 17.26 24.66 3.05
N TYR A 34 16.15 23.95 3.27
CA TYR A 34 15.26 23.51 2.20
C TYR A 34 13.83 23.90 2.58
N VAL A 35 13.44 25.11 2.19
CA VAL A 35 12.09 25.61 2.44
C VAL A 35 11.19 25.15 1.30
N ALA A 36 10.25 24.27 1.60
CA ALA A 36 9.35 23.70 0.61
C ALA A 36 7.92 24.19 0.87
N SER A 37 7.25 24.62 -0.19
CA SER A 37 5.87 25.08 -0.13
C SER A 37 5.00 24.03 -0.79
N GLU A 38 4.15 23.38 0.01
CA GLU A 38 3.35 22.26 -0.48
C GLU A 38 2.09 22.15 0.37
N VAL A 39 0.97 21.86 -0.28
CA VAL A 39 -0.31 21.74 0.41
C VAL A 39 -0.81 20.31 0.49
N CYS A 40 -0.30 19.40 -0.34
CA CYS A 40 -0.76 18.02 -0.31
C CYS A 40 -0.23 17.32 0.93
N GLU A 41 -1.12 16.63 1.65
CA GLU A 41 -0.76 16.13 2.97
C GLU A 41 0.16 14.92 2.91
N GLU A 42 -0.16 13.95 2.04
CA GLU A 42 0.70 12.77 1.95
C GLU A 42 2.04 13.09 1.31
N SER A 43 2.10 14.12 0.46
CA SER A 43 3.40 14.54 -0.06
C SER A 43 4.29 15.09 1.04
N ILE A 44 3.71 15.85 1.97
CA ILE A 44 4.47 16.34 3.10
C ILE A 44 4.89 15.19 4.01
N ALA A 45 4.01 14.19 4.15
CA ALA A 45 4.36 13.01 4.95
C ALA A 45 5.55 12.28 4.34
N VAL A 46 5.59 12.17 3.01
CA VAL A 46 6.72 11.52 2.35
C VAL A 46 8.00 12.30 2.59
N GLY A 47 7.97 13.61 2.30
CA GLY A 47 9.15 14.44 2.51
C GLY A 47 9.58 14.53 3.96
N THR A 48 8.66 14.31 4.90
CA THR A 48 9.01 14.37 6.31
C THR A 48 9.71 13.10 6.76
N VAL A 49 9.17 11.94 6.38
CA VAL A 49 9.71 10.66 6.84
C VAL A 49 10.98 10.31 6.08
N LYS A 50 10.94 10.41 4.74
CA LYS A 50 12.08 9.99 3.93
C LYS A 50 13.28 10.92 4.06
N HIS A 51 13.14 12.05 4.76
CA HIS A 51 14.27 12.96 5.00
C HIS A 51 14.37 13.38 6.46
N GLU A 52 13.56 12.78 7.34
CA GLU A 52 13.65 12.99 8.79
C GLU A 52 13.60 14.47 9.17
N GLY A 53 12.65 15.18 8.56
CA GLY A 53 12.34 16.53 9.00
C GLY A 53 13.39 17.58 8.70
N ASN A 54 14.26 17.34 7.71
CA ASN A 54 15.20 18.38 7.30
C ASN A 54 14.52 19.49 6.51
N ILE A 55 13.31 19.24 6.00
CA ILE A 55 12.60 20.19 5.16
C ILE A 55 11.71 21.06 6.04
N LYS A 56 11.74 22.36 5.79
CA LYS A 56 10.85 23.32 6.45
C LYS A 56 9.67 23.57 5.54
N TYR A 57 8.50 23.06 5.93
CA TYR A 57 7.29 23.18 5.12
C TYR A 57 6.53 24.45 5.50
N VAL A 58 6.04 25.17 4.48
CA VAL A 58 5.48 26.51 4.70
C VAL A 58 4.10 26.68 4.07
N ASN A 59 3.42 25.57 3.82
CA ASN A 59 1.99 25.56 3.41
C ASN A 59 1.82 26.29 2.08
N ASP A 60 0.73 27.02 1.91
CA ASP A 60 0.31 27.54 0.61
C ASP A 60 1.27 28.61 0.10
N VAL A 61 1.42 28.66 -1.23
CA VAL A 61 2.38 29.55 -1.85
C VAL A 61 1.85 30.98 -1.95
N ARG A 62 0.54 31.16 -1.86
CA ARG A 62 -0.06 32.48 -1.89
C ARG A 62 -0.14 33.12 -0.51
N ASN A 63 0.34 32.44 0.52
CA ASN A 63 0.52 33.03 1.85
C ASN A 63 1.96 33.41 2.11
N ILE A 64 2.86 33.15 1.16
CA ILE A 64 4.26 33.53 1.30
C ILE A 64 4.40 35.01 0.96
N THR A 65 4.80 35.81 1.93
CA THR A 65 4.93 37.25 1.74
C THR A 65 6.36 37.61 1.35
N LYS A 66 6.56 38.89 1.03
CA LYS A 66 7.91 39.37 0.76
C LYS A 66 8.79 39.25 1.99
N LYS A 67 8.26 39.68 3.15
CA LYS A 67 8.98 39.52 4.41
C LYS A 67 9.28 38.05 4.69
N ASN A 68 8.37 37.15 4.29
CA ASN A 68 8.65 35.73 4.41
C ASN A 68 9.89 35.32 3.64
N ILE A 69 10.04 35.84 2.42
CA ILE A 69 11.20 35.51 1.60
C ILE A 69 12.48 36.05 2.23
N GLU A 70 12.44 37.30 2.69
CA GLU A 70 13.66 37.93 3.19
C GLU A 70 14.15 37.27 4.48
N GLU A 71 13.24 36.88 5.37
CA GLU A 71 13.63 36.21 6.60
C GLU A 71 14.04 34.76 6.33
N TRP A 72 13.24 34.03 5.57
CA TRP A 72 13.58 32.65 5.22
C TRP A 72 14.86 32.60 4.38
N GLY A 73 15.09 33.63 3.57
CA GLY A 73 16.28 33.70 2.76
C GLY A 73 17.51 34.10 3.57
N PRO A 74 18.61 34.42 2.87
CA PRO A 74 18.72 34.43 1.41
C PRO A 74 18.76 33.03 0.80
N PHE A 75 18.19 32.90 -0.40
CA PHE A 75 18.12 31.62 -1.09
C PHE A 75 19.16 31.58 -2.22
N ASP A 76 19.76 30.42 -2.39
CA ASP A 76 20.70 30.19 -3.49
C ASP A 76 20.05 29.53 -4.70
N LEU A 77 19.07 28.66 -4.48
CA LEU A 77 18.45 27.88 -5.55
C LEU A 77 16.95 27.91 -5.36
N VAL A 78 16.23 28.47 -6.33
CA VAL A 78 14.77 28.57 -6.27
C VAL A 78 14.19 27.71 -7.39
N ILE A 79 13.61 26.58 -7.02
CA ILE A 79 13.02 25.65 -7.98
C ILE A 79 11.51 25.62 -7.79
N GLY A 80 10.80 25.26 -8.86
CA GLY A 80 9.36 25.20 -8.81
C GLY A 80 8.75 24.51 -10.01
N GLY A 81 7.59 23.90 -9.80
CA GLY A 81 6.84 23.25 -10.86
C GLY A 81 5.34 23.37 -10.66
N SER A 82 4.72 24.31 -11.37
CA SER A 82 3.30 24.56 -11.21
C SER A 82 2.49 23.36 -11.65
N PRO A 83 1.26 23.21 -11.14
CA PRO A 83 0.42 22.08 -11.54
C PRO A 83 0.19 22.03 -13.04
N CYS A 84 -0.11 20.83 -13.52
CA CYS A 84 -0.16 20.55 -14.95
C CYS A 84 -1.57 20.34 -15.50
N ASN A 85 -2.53 19.93 -14.66
CA ASN A 85 -3.84 19.51 -15.15
C ASN A 85 -4.66 20.64 -15.76
N ASP A 86 -4.24 21.90 -15.62
CA ASP A 86 -4.95 23.02 -16.22
C ASP A 86 -4.15 23.69 -17.33
N LEU A 87 -3.03 23.10 -17.74
CA LEU A 87 -2.24 23.60 -18.86
C LEU A 87 -2.03 22.55 -19.95
N SER A 88 -2.50 21.32 -19.75
CA SER A 88 -2.21 20.22 -20.64
C SER A 88 -3.36 19.95 -21.60
N ASN A 89 -3.03 19.31 -22.73
CA ASN A 89 -4.04 18.87 -23.68
C ASN A 89 -4.73 17.57 -23.25
N VAL A 90 -4.25 16.93 -22.17
CA VAL A 90 -4.94 15.78 -21.61
C VAL A 90 -6.24 16.18 -20.93
N ASN A 91 -6.45 17.47 -20.72
CA ASN A 91 -7.65 17.98 -20.05
C ASN A 91 -8.58 18.64 -21.06
N PRO A 92 -9.76 18.06 -21.33
CA PRO A 92 -10.76 18.78 -22.15
C PRO A 92 -11.25 20.07 -21.49
N ALA A 93 -11.45 20.06 -20.16
CA ALA A 93 -11.80 21.24 -19.38
C ALA A 93 -10.58 22.09 -19.02
N ARG A 94 -9.55 22.12 -19.86
CA ARG A 94 -8.37 22.93 -19.58
C ARG A 94 -8.72 24.41 -19.48
N LYS A 95 -8.28 25.06 -18.41
CA LYS A 95 -8.59 26.46 -18.15
C LYS A 95 -7.45 27.40 -18.56
N GLY A 96 -6.42 26.88 -19.22
CA GLY A 96 -5.33 27.71 -19.67
C GLY A 96 -4.38 28.11 -18.55
N LEU A 97 -3.57 29.10 -18.87
CA LEU A 97 -2.54 29.61 -17.96
C LEU A 97 -3.07 30.65 -16.98
N TYR A 98 -4.26 31.21 -17.22
CA TYR A 98 -4.69 32.39 -16.49
C TYR A 98 -5.80 32.13 -15.48
N GLU A 99 -6.36 30.93 -15.44
CA GLU A 99 -7.29 30.55 -14.39
C GLU A 99 -7.07 29.08 -14.05
N GLY A 100 -7.86 28.59 -13.09
CA GLY A 100 -7.64 27.25 -12.59
C GLY A 100 -6.36 27.17 -11.76
N THR A 101 -5.71 26.01 -11.83
CA THR A 101 -4.43 25.83 -11.16
C THR A 101 -3.25 26.27 -12.02
N GLY A 102 -3.51 26.68 -13.27
CA GLY A 102 -2.42 27.11 -14.13
C GLY A 102 -1.86 28.46 -13.73
N ARG A 103 -2.72 29.35 -13.23
CA ARG A 103 -2.28 30.69 -12.85
C ARG A 103 -1.31 30.67 -11.67
N LEU A 104 -1.16 29.54 -10.99
CA LEU A 104 -0.17 29.46 -9.91
C LEU A 104 1.25 29.65 -10.43
N PHE A 105 1.47 29.55 -11.74
CA PHE A 105 2.77 29.85 -12.31
C PHE A 105 3.23 31.26 -11.95
N PHE A 106 2.30 32.22 -11.96
CA PHE A 106 2.67 33.60 -11.63
C PHE A 106 3.09 33.73 -10.18
N GLU A 107 2.55 32.89 -9.29
CA GLU A 107 2.99 32.90 -7.91
C GLU A 107 4.45 32.48 -7.79
N PHE A 108 4.94 31.68 -8.73
CA PHE A 108 6.38 31.43 -8.82
C PHE A 108 7.12 32.66 -9.30
N TYR A 109 6.71 33.22 -10.44
CA TYR A 109 7.33 34.42 -10.98
C TYR A 109 7.37 35.55 -9.95
N HIS A 110 6.26 35.75 -9.25
CA HIS A 110 6.22 36.69 -8.13
C HIS A 110 7.36 36.44 -7.15
N LEU A 111 7.34 35.27 -6.50
CA LEU A 111 8.32 34.98 -5.46
C LEU A 111 9.73 34.87 -6.01
N LEU A 112 9.87 34.54 -7.29
CA LEU A 112 11.20 34.47 -7.90
C LEU A 112 11.88 35.84 -7.88
N ASN A 113 11.14 36.89 -8.25
CA ASN A 113 11.69 38.24 -8.18
C ASN A 113 11.90 38.69 -6.75
N TYR A 114 11.12 38.15 -5.80
CA TYR A 114 11.35 38.44 -4.39
C TYR A 114 12.65 37.82 -3.90
N SER A 115 13.04 36.67 -4.47
CA SER A 115 14.19 35.91 -3.99
C SER A 115 15.48 36.24 -4.73
N ARG A 116 15.39 36.91 -5.88
CA ARG A 116 16.60 37.25 -6.62
C ARG A 116 17.47 38.21 -5.81
N PRO A 117 18.79 38.13 -5.95
CA PRO A 117 19.66 39.02 -5.16
C PRO A 117 19.49 40.48 -5.57
N LYS A 118 19.81 41.35 -4.62
CA LYS A 118 19.66 42.78 -4.82
C LYS A 118 20.70 43.30 -5.81
N GLU A 119 20.45 44.49 -6.35
CA GLU A 119 21.41 45.12 -7.23
C GLU A 119 22.63 45.56 -6.44
N GLY A 120 23.81 45.37 -7.03
CA GLY A 120 25.05 45.50 -6.28
C GLY A 120 25.43 44.25 -5.53
N ASP A 121 24.74 43.15 -5.77
CA ASP A 121 25.02 41.87 -5.11
C ASP A 121 24.95 40.81 -6.21
N ASP A 122 26.11 40.33 -6.65
CA ASP A 122 26.21 39.32 -7.70
C ASP A 122 26.63 37.97 -7.13
N ARG A 123 26.13 37.64 -5.94
CA ARG A 123 26.34 36.32 -5.39
C ARG A 123 25.68 35.27 -6.29
N PRO A 124 26.19 34.04 -6.30
CA PRO A 124 25.58 33.01 -7.16
C PRO A 124 24.12 32.79 -6.80
N PHE A 125 23.27 32.75 -7.83
CA PHE A 125 21.84 32.57 -7.65
C PHE A 125 21.30 31.83 -8.86
N PHE A 126 20.74 30.63 -8.63
CA PHE A 126 20.22 29.79 -9.70
C PHE A 126 18.75 29.48 -9.44
N TRP A 127 18.01 29.26 -10.53
CA TRP A 127 16.58 29.01 -10.43
C TRP A 127 16.16 28.14 -11.61
N MET A 128 15.03 27.46 -11.42
CA MET A 128 14.52 26.56 -12.47
C MET A 128 13.02 26.39 -12.29
N PHE A 129 12.28 26.50 -13.39
CA PHE A 129 10.85 26.25 -13.41
C PHE A 129 10.54 25.19 -14.46
N GLU A 130 9.78 24.18 -14.06
CA GLU A 130 9.41 23.08 -14.93
C GLU A 130 7.92 23.11 -15.22
N ASN A 131 7.56 22.71 -16.44
CA ASN A 131 6.17 22.46 -16.78
C ASN A 131 6.12 21.49 -17.94
N VAL A 132 4.92 21.11 -18.33
CA VAL A 132 4.73 20.10 -19.36
C VAL A 132 4.93 20.69 -20.74
N VAL A 133 5.36 19.85 -21.69
CA VAL A 133 5.51 20.28 -23.06
C VAL A 133 4.16 20.38 -23.75
N ALA A 134 3.19 19.57 -23.33
CA ALA A 134 1.85 19.57 -23.91
C ALA A 134 1.09 20.76 -23.34
N MET A 135 1.23 21.90 -23.99
CA MET A 135 0.51 23.10 -23.58
C MET A 135 0.36 24.01 -24.79
N LYS A 136 -0.68 24.85 -24.76
CA LYS A 136 -0.92 25.77 -25.85
C LYS A 136 0.26 26.73 -26.01
N VAL A 137 0.70 26.91 -27.26
CA VAL A 137 1.93 27.65 -27.51
C VAL A 137 1.84 29.08 -27.01
N GLY A 138 0.62 29.62 -26.93
CA GLY A 138 0.45 30.95 -26.33
C GLY A 138 0.82 30.96 -24.85
N ASP A 139 0.47 29.89 -24.14
CA ASP A 139 0.85 29.78 -22.73
C ASP A 139 2.35 29.59 -22.58
N LYS A 140 2.96 28.82 -23.48
CA LYS A 140 4.40 28.61 -23.42
C LYS A 140 5.16 29.91 -23.60
N ARG A 141 4.82 30.68 -24.63
CA ARG A 141 5.53 31.94 -24.87
C ARG A 141 5.18 32.98 -23.82
N ASP A 142 3.99 32.89 -23.23
CA ASP A 142 3.66 33.78 -22.11
C ASP A 142 4.54 33.49 -20.90
N ILE A 143 4.73 32.20 -20.59
CA ILE A 143 5.63 31.82 -19.51
C ILE A 143 7.05 32.29 -19.82
N SER A 144 7.48 32.14 -21.07
CA SER A 144 8.80 32.62 -21.46
C SER A 144 8.90 34.12 -21.32
N ARG A 145 7.81 34.85 -21.57
CA ARG A 145 7.83 36.30 -21.45
C ARG A 145 8.01 36.73 -19.99
N PHE A 146 7.28 36.09 -19.08
CA PHE A 146 7.36 36.47 -17.67
C PHE A 146 8.69 36.06 -17.07
N LEU A 147 9.21 34.88 -17.43
CA LEU A 147 10.50 34.43 -16.94
C LEU A 147 11.68 35.02 -17.69
N GLU A 148 11.42 35.67 -18.83
CA GLU A 148 12.47 36.37 -19.59
C GLU A 148 13.54 35.41 -20.10
N CYS A 149 13.13 34.23 -20.55
CA CYS A 149 14.03 33.25 -21.13
C CYS A 149 13.21 32.17 -21.82
N ASN A 150 13.86 31.45 -22.75
CA ASN A 150 13.21 30.34 -23.42
C ASN A 150 13.66 29.02 -22.83
N PRO A 151 12.81 27.99 -22.84
CA PRO A 151 13.11 26.77 -22.11
C PRO A 151 13.92 25.76 -22.93
N VAL A 152 14.60 24.89 -22.20
CA VAL A 152 15.17 23.68 -22.77
C VAL A 152 14.14 22.56 -22.58
N MET A 153 14.09 21.65 -23.54
CA MET A 153 13.16 20.52 -23.49
C MET A 153 13.95 19.26 -23.25
N ILE A 154 13.66 18.58 -22.14
CA ILE A 154 14.30 17.32 -21.78
C ILE A 154 13.23 16.25 -21.65
N ASP A 155 13.44 15.13 -22.33
CA ASP A 155 12.54 13.98 -22.27
C ASP A 155 13.23 12.91 -21.44
N ALA A 156 12.56 12.46 -20.37
CA ALA A 156 13.13 11.46 -19.48
C ALA A 156 13.42 10.14 -20.19
N ILE A 157 12.89 9.93 -21.40
CA ILE A 157 13.12 8.68 -22.12
C ILE A 157 14.62 8.45 -22.36
N LYS A 158 15.41 9.52 -22.38
CA LYS A 158 16.84 9.37 -22.59
C LYS A 158 17.56 8.80 -21.37
N VAL A 159 16.97 8.95 -20.18
CA VAL A 159 17.59 8.45 -18.96
C VAL A 159 16.65 7.58 -18.12
N SER A 160 15.34 7.69 -18.29
CA SER A 160 14.38 6.87 -17.57
C SER A 160 13.88 5.74 -18.48
N ALA A 161 12.79 5.10 -18.07
CA ALA A 161 12.15 4.06 -18.87
C ALA A 161 10.75 4.46 -19.31
N ALA A 162 10.43 5.75 -19.28
CA ALA A 162 9.11 6.23 -19.63
C ALA A 162 9.23 7.51 -20.46
N HIS A 163 8.17 7.81 -21.19
CA HIS A 163 8.07 9.05 -21.96
C HIS A 163 7.69 10.17 -21.00
N ARG A 164 8.58 11.14 -20.82
CA ARG A 164 8.28 12.30 -19.97
C ARG A 164 9.02 13.51 -20.54
N ALA A 165 8.36 14.20 -21.47
CA ALA A 165 8.92 15.40 -22.07
C ALA A 165 8.42 16.62 -21.31
N ARG A 166 9.36 17.46 -20.85
CA ARG A 166 9.03 18.63 -20.05
C ARG A 166 9.91 19.81 -20.46
N TYR A 167 9.33 21.00 -20.34
CA TYR A 167 10.09 22.24 -20.54
C TYR A 167 10.74 22.66 -19.23
N PHE A 168 11.97 23.16 -19.32
CA PHE A 168 12.70 23.66 -18.15
C PHE A 168 13.22 25.06 -18.46
N TRP A 169 12.60 26.06 -17.84
CA TRP A 169 13.16 27.41 -17.82
C TRP A 169 14.12 27.53 -16.64
N GLY A 170 15.14 28.35 -16.81
CA GLY A 170 16.07 28.60 -15.72
C GLY A 170 17.42 29.07 -16.21
N ASN A 171 18.35 29.14 -15.25
CA ASN A 171 19.71 29.61 -15.51
C ASN A 171 20.76 28.67 -14.91
N LEU A 172 20.39 27.41 -14.67
CA LEU A 172 21.35 26.47 -14.10
C LEU A 172 22.53 26.28 -15.05
N PRO A 173 23.74 26.13 -14.53
CA PRO A 173 24.90 25.94 -15.42
C PRO A 173 24.78 24.68 -16.24
N GLY A 174 24.98 24.82 -17.55
CA GLY A 174 24.93 23.69 -18.45
C GLY A 174 23.56 23.08 -18.64
N MET A 175 22.51 23.90 -18.69
CA MET A 175 21.16 23.39 -18.95
C MET A 175 21.01 22.92 -20.39
N ASN A 176 21.84 23.41 -21.31
CA ASN A 176 21.73 23.05 -22.71
C ASN A 176 22.61 21.86 -23.10
N ARG A 177 23.53 21.46 -22.23
CA ARG A 177 24.44 20.37 -22.55
C ARG A 177 23.65 19.08 -22.81
N PRO A 178 24.18 18.19 -23.65
CA PRO A 178 23.43 16.97 -23.98
C PRO A 178 23.37 16.01 -22.80
N VAL A 179 22.19 15.44 -22.61
CA VAL A 179 21.99 14.49 -21.52
C VAL A 179 22.64 13.16 -21.88
N ILE A 180 23.37 12.59 -20.92
CA ILE A 180 24.00 11.29 -21.09
C ILE A 180 23.68 10.45 -19.86
N ALA A 181 23.01 9.31 -20.07
CA ALA A 181 22.55 8.50 -18.96
C ALA A 181 23.70 7.68 -18.38
N SER A 182 23.72 7.58 -17.05
CA SER A 182 24.66 6.69 -16.37
C SER A 182 24.16 5.25 -16.44
N LYS A 183 25.08 4.32 -16.21
CA LYS A 183 24.71 2.91 -16.31
C LYS A 183 23.94 2.40 -15.10
N ASN A 184 23.80 3.22 -14.05
CA ASN A 184 22.84 2.90 -12.99
C ASN A 184 21.42 3.25 -13.39
N ASP A 185 21.24 4.13 -14.37
CA ASP A 185 19.91 4.48 -14.85
C ASP A 185 19.29 3.30 -15.57
N LYS A 186 18.04 2.98 -15.22
CA LYS A 186 17.34 1.83 -15.76
C LYS A 186 16.53 2.31 -16.97
N LEU A 187 17.10 2.15 -18.16
CA LEU A 187 16.57 2.80 -19.35
C LEU A 187 15.40 2.07 -19.99
N GLU A 188 15.21 0.78 -19.71
CA GLU A 188 14.13 0.03 -20.31
C GLU A 188 13.29 -0.65 -19.24
N LEU A 189 12.02 -0.87 -19.56
CA LEU A 189 11.02 -1.27 -18.56
C LEU A 189 11.38 -2.57 -17.87
N GLN A 190 12.03 -3.49 -18.59
CA GLN A 190 12.39 -4.77 -17.99
C GLN A 190 13.33 -4.60 -16.80
N ASP A 191 14.12 -3.52 -16.79
CA ASP A 191 15.05 -3.30 -15.68
C ASP A 191 14.35 -2.91 -14.39
N CYS A 192 13.08 -2.48 -14.46
CA CYS A 192 12.38 -1.96 -13.30
C CYS A 192 11.33 -2.91 -12.74
N LEU A 193 11.15 -4.09 -13.33
CA LEU A 193 10.11 -5.00 -12.89
C LEU A 193 10.63 -5.92 -11.78
N GLU A 194 9.71 -6.32 -10.91
CA GLU A 194 10.04 -7.26 -9.85
C GLU A 194 10.23 -8.66 -10.44
N TYR A 195 10.44 -9.64 -9.56
CA TYR A 195 10.74 -10.99 -9.98
C TYR A 195 9.57 -11.61 -10.75
N ASN A 196 9.90 -12.37 -11.79
CA ASN A 196 8.92 -13.14 -12.57
C ASN A 196 7.90 -12.22 -13.24
N ARG A 197 8.40 -11.18 -13.90
CA ARG A 197 7.55 -10.26 -14.65
C ARG A 197 8.30 -9.81 -15.90
N ILE A 198 7.67 -9.98 -17.06
CA ILE A 198 8.25 -9.66 -18.35
C ILE A 198 7.58 -8.42 -18.91
N ALA A 199 8.38 -7.53 -19.50
CA ALA A 199 7.88 -6.28 -20.03
C ALA A 199 7.43 -6.46 -21.48
N LYS A 200 6.32 -5.81 -21.83
CA LYS A 200 5.85 -5.82 -23.21
C LYS A 200 6.59 -4.76 -24.04
N LEU A 201 6.59 -3.52 -23.56
CA LEU A 201 7.31 -2.43 -24.21
C LEU A 201 8.67 -2.24 -23.55
N LYS A 202 9.57 -1.59 -24.28
CA LYS A 202 10.85 -1.18 -23.71
C LYS A 202 10.77 0.23 -23.12
N LYS A 203 9.77 1.02 -23.50
CA LYS A 203 9.49 2.30 -22.89
C LYS A 203 7.98 2.42 -22.73
N VAL A 204 7.52 2.75 -21.53
CA VAL A 204 6.10 2.90 -21.26
C VAL A 204 5.69 4.33 -21.57
N GLN A 205 4.47 4.49 -22.09
CA GLN A 205 3.95 5.81 -22.39
C GLN A 205 3.88 6.66 -21.11
N THR A 206 3.65 7.96 -21.29
CA THR A 206 3.67 8.89 -20.18
C THR A 206 2.63 8.51 -19.13
N ILE A 207 3.03 8.58 -17.87
CA ILE A 207 2.17 8.26 -16.75
C ILE A 207 1.71 9.57 -16.11
N THR A 208 0.42 9.83 -16.16
CA THR A 208 -0.17 10.98 -15.48
C THR A 208 -0.67 10.54 -14.11
N THR A 209 -1.47 11.38 -13.46
CA THR A 209 -1.98 11.07 -12.13
C THR A 209 -3.02 9.95 -12.14
N LYS A 210 -3.38 9.43 -13.30
CA LYS A 210 -4.47 8.46 -13.42
C LYS A 210 -4.01 7.29 -14.28
N SER A 211 -4.80 6.21 -14.25
CA SER A 211 -4.50 5.02 -15.04
C SER A 211 -5.26 5.03 -16.36
N ASN A 219 -3.77 -3.35 -23.69
CA ASN A 219 -3.31 -2.05 -24.16
C ASN A 219 -1.99 -1.67 -23.48
N GLN A 220 -1.72 -0.37 -23.38
CA GLN A 220 -0.54 0.15 -22.70
C GLN A 220 -0.80 0.46 -21.24
N LEU A 221 -1.99 0.14 -20.72
CA LEU A 221 -2.24 0.16 -19.29
C LEU A 221 -2.17 -1.22 -18.66
N PHE A 222 -1.77 -2.23 -19.44
CA PHE A 222 -1.46 -3.57 -18.93
C PHE A 222 -0.08 -3.98 -19.44
N PRO A 223 0.96 -3.19 -19.15
CA PRO A 223 2.24 -3.35 -19.84
C PRO A 223 3.12 -4.48 -19.31
N VAL A 224 2.60 -5.36 -18.47
CA VAL A 224 3.39 -6.44 -17.88
C VAL A 224 2.63 -7.74 -18.00
N VAL A 225 3.35 -8.80 -18.37
CA VAL A 225 2.80 -10.16 -18.39
C VAL A 225 3.49 -10.97 -17.30
N MET A 226 2.70 -11.46 -16.35
CA MET A 226 3.19 -12.32 -15.28
C MET A 226 2.40 -13.62 -15.31
N ASN A 227 3.11 -14.73 -15.51
CA ASN A 227 2.49 -16.06 -15.62
C ASN A 227 1.49 -16.10 -16.77
N GLY A 228 1.82 -15.41 -17.87
CA GLY A 228 1.01 -15.46 -19.07
C GLY A 228 -0.29 -14.69 -19.03
N LYS A 229 -0.41 -13.67 -18.16
CA LYS A 229 -1.61 -12.87 -18.08
C LYS A 229 -1.25 -11.40 -17.97
N GLU A 230 -2.19 -10.54 -18.38
CA GLU A 230 -1.99 -9.10 -18.29
C GLU A 230 -2.05 -8.63 -16.85
N ASP A 231 -1.08 -7.83 -16.44
CA ASP A 231 -1.10 -7.20 -15.14
C ASP A 231 -0.58 -5.76 -15.26
N VAL A 232 -1.03 -4.92 -14.34
CA VAL A 232 -0.62 -3.52 -14.31
C VAL A 232 0.74 -3.41 -13.65
N LEU A 233 1.26 -2.19 -13.52
CA LEU A 233 2.51 -1.97 -12.83
C LEU A 233 2.29 -1.92 -11.32
N TRP A 234 3.30 -2.33 -10.58
CA TRP A 234 3.28 -2.21 -9.13
C TRP A 234 3.86 -0.86 -8.71
N CYS A 235 3.55 -0.47 -7.47
CA CYS A 235 4.04 0.81 -6.96
C CYS A 235 5.56 0.85 -6.95
N THR A 236 6.20 -0.25 -6.55
CA THR A 236 7.66 -0.30 -6.55
C THR A 236 8.20 -0.20 -7.96
N GLU A 237 7.53 -0.83 -8.92
CA GLU A 237 7.96 -0.72 -10.32
C GLU A 237 7.82 0.72 -10.81
N LEU A 238 6.71 1.38 -10.48
CA LEU A 238 6.53 2.78 -10.86
C LEU A 238 7.61 3.66 -10.25
N GLU A 239 7.99 3.39 -9.00
CA GLU A 239 9.06 4.17 -8.35
C GLU A 239 10.37 4.02 -9.11
N ARG A 240 10.69 2.81 -9.58
CA ARG A 240 11.92 2.61 -10.34
C ARG A 240 11.84 3.27 -11.71
N ILE A 241 10.65 3.33 -12.31
CA ILE A 241 10.51 4.01 -13.60
C ILE A 241 10.81 5.50 -13.44
N PHE A 242 10.26 6.12 -12.41
CA PHE A 242 10.52 7.53 -12.14
C PHE A 242 11.88 7.76 -11.49
N GLY A 243 12.65 6.70 -11.24
CA GLY A 243 13.97 6.82 -10.68
C GLY A 243 14.02 6.94 -9.17
N PHE A 244 12.89 7.10 -8.50
CA PHE A 244 12.91 7.21 -7.05
C PHE A 244 13.39 5.90 -6.42
N PRO A 245 13.94 5.96 -5.21
CA PRO A 245 14.22 4.72 -4.49
C PRO A 245 12.96 3.89 -4.33
N VAL A 246 13.14 2.57 -4.25
CA VAL A 246 12.00 1.71 -3.98
C VAL A 246 11.46 2.01 -2.60
N HIS A 247 10.13 1.97 -2.47
CA HIS A 247 9.42 2.26 -1.22
C HIS A 247 9.64 3.70 -0.76
N TYR A 248 9.96 4.60 -1.70
CA TYR A 248 10.02 6.02 -1.38
C TYR A 248 8.65 6.56 -0.97
N THR A 249 7.58 5.96 -1.50
CA THR A 249 6.22 6.41 -1.22
C THR A 249 5.46 5.47 -0.31
N ASP A 250 6.08 4.39 0.17
CA ASP A 250 5.43 3.49 1.13
C ASP A 250 5.31 4.19 2.48
N VAL A 251 4.47 5.23 2.55
CA VAL A 251 4.38 6.11 3.70
C VAL A 251 2.91 6.27 4.08
N SER A 252 2.63 6.15 5.38
CA SER A 252 1.35 6.56 5.97
C SER A 252 0.16 5.86 5.30
N ASN A 253 0.24 4.53 5.21
CA ASN A 253 -0.88 3.69 4.78
C ASN A 253 -1.40 4.09 3.39
N MET A 254 -0.53 4.59 2.53
CA MET A 254 -0.92 4.92 1.16
C MET A 254 -1.03 3.65 0.34
N GLY A 255 -2.00 3.62 -0.57
CA GLY A 255 -2.23 2.49 -1.44
C GLY A 255 -1.86 2.78 -2.88
N ARG A 256 -2.39 1.94 -3.78
CA ARG A 256 -2.12 2.12 -5.20
C ARG A 256 -2.64 3.46 -5.72
N GLY A 257 -3.75 3.93 -5.16
CA GLY A 257 -4.35 5.16 -5.67
C GLY A 257 -3.50 6.39 -5.38
N ALA A 258 -3.12 6.57 -4.12
CA ALA A 258 -2.40 7.78 -3.73
C ALA A 258 -0.98 7.78 -4.28
N ARG A 259 -0.29 6.64 -4.22
CA ARG A 259 1.10 6.59 -4.65
C ARG A 259 1.26 6.90 -6.13
N GLN A 260 0.36 6.37 -6.97
CA GLN A 260 0.46 6.65 -8.40
C GLN A 260 0.14 8.11 -8.70
N LYS A 261 -0.73 8.73 -7.90
CA LYS A 261 -0.97 10.17 -8.04
C LYS A 261 0.30 10.96 -7.75
N LEU A 262 0.95 10.66 -6.61
CA LEU A 262 2.14 11.40 -6.22
C LEU A 262 3.26 11.21 -7.22
N LEU A 263 3.51 9.96 -7.63
CA LEU A 263 4.56 9.70 -8.62
C LEU A 263 4.16 10.17 -10.01
N GLY A 264 2.86 10.35 -10.26
CA GLY A 264 2.43 10.76 -11.59
C GLY A 264 2.61 12.24 -11.88
N ARG A 265 2.60 13.07 -10.84
CA ARG A 265 2.79 14.51 -10.99
C ARG A 265 4.13 14.98 -10.44
N SER A 266 5.10 14.08 -10.39
CA SER A 266 6.42 14.38 -9.85
C SER A 266 7.46 14.39 -10.95
N TRP A 267 8.67 14.83 -10.59
CA TRP A 267 9.78 14.89 -11.53
C TRP A 267 10.44 13.52 -11.66
N SER A 268 11.02 13.27 -12.83
CA SER A 268 11.88 12.11 -13.02
C SER A 268 13.27 12.44 -12.47
N VAL A 269 13.70 11.70 -11.45
CA VAL A 269 14.86 12.09 -10.67
C VAL A 269 16.17 12.06 -11.48
N PRO A 270 16.33 11.24 -12.53
CA PRO A 270 17.56 11.38 -13.33
C PRO A 270 17.61 12.67 -14.13
N VAL A 271 16.46 13.20 -14.54
CA VAL A 271 16.44 14.49 -15.22
C VAL A 271 16.88 15.59 -14.27
N ILE A 272 16.37 15.57 -13.03
CA ILE A 272 16.78 16.58 -12.06
C ILE A 272 18.22 16.38 -11.64
N ARG A 273 18.70 15.12 -11.60
CA ARG A 273 20.12 14.90 -11.32
C ARG A 273 20.99 15.50 -12.42
N HIS A 274 20.59 15.33 -13.68
CA HIS A 274 21.30 15.96 -14.78
C HIS A 274 21.35 17.47 -14.61
N LEU A 275 20.20 18.08 -14.34
CA LEU A 275 20.13 19.54 -14.26
C LEU A 275 20.87 20.07 -13.05
N PHE A 276 20.80 19.36 -11.93
CA PHE A 276 21.39 19.85 -10.68
C PHE A 276 22.86 19.50 -10.53
N ALA A 277 23.36 18.50 -11.27
CA ALA A 277 24.73 18.05 -11.06
C ALA A 277 25.79 19.15 -11.23
N PRO A 278 25.68 20.08 -12.17
CA PRO A 278 26.68 21.17 -12.23
C PRO A 278 26.72 22.03 -10.98
N LEU A 279 25.73 21.95 -10.10
CA LEU A 279 25.71 22.79 -8.91
C LEU A 279 26.69 22.32 -7.83
N LYS A 280 27.28 21.14 -7.97
CA LYS A 280 28.26 20.67 -7.00
C LYS A 280 29.46 21.61 -6.90
N ASP A 281 29.80 22.27 -8.00
CA ASP A 281 31.00 23.10 -8.05
C ASP A 281 30.76 24.51 -7.53
N TYR A 282 29.63 24.76 -6.86
CA TYR A 282 29.33 26.07 -6.31
C TYR A 282 29.04 26.06 -4.82
N PHE A 283 28.82 24.90 -4.21
CA PHE A 283 28.45 24.83 -2.80
C PHE A 283 29.25 23.73 -2.12
N ALA A 284 29.09 23.63 -0.81
CA ALA A 284 29.83 22.64 -0.03
C ALA A 284 29.44 21.22 -0.44
N CYS A 285 30.43 20.34 -0.49
CA CYS A 285 30.23 18.94 -0.86
C CYS A 285 30.95 18.05 0.14
N GLU A 286 30.87 16.75 -0.10
CA GLU A 286 31.51 15.77 0.80
C GLU A 286 32.88 15.35 0.25
N PHE B 4 9.49 60.39 -2.40
CA PHE B 4 9.95 61.33 -3.42
C PHE B 4 9.62 62.77 -3.01
N GLU B 5 10.65 63.53 -2.65
CA GLU B 5 10.45 64.88 -2.15
C GLU B 5 10.24 65.84 -3.33
N THR B 6 9.42 66.86 -3.11
CA THR B 6 8.87 67.65 -4.21
C THR B 6 9.97 68.41 -4.94
N VAL B 7 9.63 68.88 -6.14
CA VAL B 7 10.57 69.47 -7.10
C VAL B 7 10.23 70.95 -7.29
N PRO B 8 11.22 71.84 -7.36
CA PRO B 8 10.93 73.25 -7.62
C PRO B 8 10.33 73.47 -9.00
N VAL B 9 9.65 74.61 -9.14
CA VAL B 9 8.79 74.84 -10.30
C VAL B 9 9.62 75.09 -11.57
N TRP B 10 10.80 75.71 -11.44
CA TRP B 10 11.59 76.05 -12.62
C TRP B 10 12.11 74.83 -13.35
N ARG B 11 12.18 73.67 -12.69
CA ARG B 11 12.89 72.52 -13.22
C ARG B 11 11.99 71.33 -13.54
N ARG B 12 10.68 71.47 -13.40
CA ARG B 12 9.78 70.35 -13.67
C ARG B 12 9.69 70.11 -15.17
N GLN B 13 10.15 68.94 -15.60
CA GLN B 13 10.15 68.52 -17.00
C GLN B 13 8.81 67.89 -17.37
N PRO B 14 8.49 67.82 -18.66
CA PRO B 14 7.23 67.17 -19.06
C PRO B 14 7.25 65.68 -18.72
N VAL B 15 6.10 65.20 -18.22
CA VAL B 15 6.02 63.84 -17.72
C VAL B 15 5.99 62.85 -18.88
N ARG B 16 6.64 61.71 -18.69
CA ARG B 16 6.73 60.64 -19.69
C ARG B 16 5.91 59.45 -19.16
N VAL B 17 4.74 59.23 -19.75
CA VAL B 17 3.77 58.28 -19.23
C VAL B 17 3.64 57.10 -20.17
N LEU B 18 3.39 55.92 -19.59
CA LEU B 18 3.14 54.70 -20.32
C LEU B 18 1.72 54.23 -20.02
N SER B 19 0.87 54.20 -21.04
CA SER B 19 -0.52 53.80 -20.90
C SER B 19 -0.70 52.39 -21.44
N LEU B 20 -1.29 51.52 -20.62
CA LEU B 20 -1.48 50.11 -20.97
C LEU B 20 -2.97 49.78 -20.99
N PHE B 21 -3.38 49.01 -21.99
CA PHE B 21 -4.72 48.44 -22.11
C PHE B 21 -5.81 49.51 -22.28
N GLU B 22 -5.54 50.73 -21.84
CA GLU B 22 -6.41 51.87 -22.08
C GLU B 22 -5.53 53.10 -22.27
N ASP B 23 -6.11 54.12 -22.90
CA ASP B 23 -5.40 55.38 -23.18
C ASP B 23 -5.97 56.48 -22.30
N ILE B 24 -5.08 57.31 -21.75
CA ILE B 24 -5.48 58.45 -20.94
C ILE B 24 -4.71 59.69 -21.40
N LYS B 25 -4.41 59.74 -22.70
CA LYS B 25 -3.78 60.93 -23.26
C LYS B 25 -4.64 62.17 -23.03
N LYS B 26 -5.91 62.10 -23.42
CA LYS B 26 -6.79 63.27 -23.35
C LYS B 26 -6.97 63.73 -21.91
N GLU B 27 -7.16 62.78 -20.98
CA GLU B 27 -7.35 63.14 -19.58
C GLU B 27 -6.11 63.80 -19.00
N LEU B 28 -4.92 63.39 -19.46
CA LEU B 28 -3.69 64.00 -18.96
C LEU B 28 -3.42 65.35 -19.61
N THR B 29 -3.86 65.56 -20.85
CA THR B 29 -3.79 66.90 -21.43
C THR B 29 -4.74 67.85 -20.72
N SER B 30 -5.94 67.38 -20.37
CA SER B 30 -6.91 68.24 -19.69
C SER B 30 -6.42 68.69 -18.32
N LEU B 31 -5.51 67.94 -17.69
CA LEU B 31 -4.96 68.32 -16.39
C LEU B 31 -3.68 69.12 -16.49
N GLY B 32 -3.13 69.30 -17.68
CA GLY B 32 -1.88 70.02 -17.84
C GLY B 32 -0.64 69.17 -17.63
N PHE B 33 -0.69 67.90 -18.06
CA PHE B 33 0.48 67.03 -18.01
C PHE B 33 1.10 66.76 -19.37
N LEU B 34 0.31 66.80 -20.43
CA LEU B 34 0.79 66.65 -21.79
C LEU B 34 0.49 67.91 -22.58
N GLU B 35 1.39 68.27 -23.49
CA GLU B 35 1.17 69.39 -24.39
C GLU B 35 0.61 68.89 -25.71
N SER B 36 -0.25 69.70 -26.32
CA SER B 36 -0.90 69.31 -27.57
C SER B 36 0.12 69.27 -28.69
N GLY B 37 0.39 68.08 -29.21
CA GLY B 37 1.36 67.90 -30.27
C GLY B 37 2.21 66.65 -30.11
N GLY B 41 4.95 64.69 -28.41
CA GLY B 41 4.30 63.56 -27.77
C GLY B 41 5.10 62.95 -26.65
N GLN B 42 4.49 62.81 -25.48
CA GLN B 42 5.13 62.24 -24.31
C GLN B 42 4.47 60.97 -23.81
N LEU B 43 3.47 60.46 -24.52
CA LEU B 43 2.70 59.30 -24.07
C LEU B 43 2.89 58.14 -25.04
N LYS B 44 3.34 57.01 -24.52
CA LYS B 44 3.38 55.76 -25.26
C LYS B 44 2.21 54.90 -24.79
N HIS B 45 1.37 54.49 -25.74
CA HIS B 45 0.17 53.72 -25.43
C HIS B 45 0.18 52.43 -26.25
N VAL B 46 0.21 51.30 -25.56
CA VAL B 46 0.11 49.99 -26.19
C VAL B 46 -1.07 49.25 -25.57
N VAL B 47 -1.84 48.58 -26.41
CA VAL B 47 -3.00 47.82 -25.96
C VAL B 47 -2.67 46.33 -25.82
N ASP B 48 -1.92 45.78 -26.77
CA ASP B 48 -1.48 44.40 -26.73
C ASP B 48 0.00 44.36 -26.37
N VAL B 49 0.29 43.90 -25.16
CA VAL B 49 1.66 43.85 -24.64
C VAL B 49 2.18 42.42 -24.59
N THR B 50 1.58 41.52 -25.36
CA THR B 50 1.96 40.10 -25.29
C THR B 50 3.40 39.89 -25.71
N ASP B 51 3.86 40.60 -26.74
CA ASP B 51 5.21 40.45 -27.26
C ASP B 51 6.13 41.59 -26.83
N THR B 52 5.89 42.16 -25.64
CA THR B 52 6.72 43.23 -25.12
C THR B 52 7.84 42.63 -24.26
N VAL B 53 9.08 42.89 -24.65
CA VAL B 53 10.24 42.47 -23.88
C VAL B 53 10.78 43.66 -23.12
N ARG B 54 11.62 43.40 -22.12
CA ARG B 54 12.19 44.48 -21.32
C ARG B 54 12.94 45.49 -22.19
N LYS B 55 13.60 45.03 -23.25
CA LYS B 55 14.34 45.95 -24.13
C LYS B 55 13.40 46.92 -24.84
N ASP B 56 12.14 46.54 -25.08
CA ASP B 56 11.21 47.47 -25.70
C ASP B 56 10.78 48.56 -24.72
N VAL B 57 10.48 48.19 -23.48
CA VAL B 57 10.14 49.18 -22.47
C VAL B 57 11.33 50.09 -22.19
N GLU B 58 12.55 49.56 -22.35
CA GLU B 58 13.74 50.39 -22.14
C GLU B 58 13.99 51.33 -23.31
N GLU B 59 13.83 50.84 -24.55
CA GLU B 59 14.01 51.69 -25.71
C GLU B 59 13.05 52.88 -25.69
N TRP B 60 11.77 52.61 -25.42
CA TRP B 60 10.82 53.68 -25.16
C TRP B 60 11.32 54.50 -23.98
N GLY B 61 11.38 55.82 -24.16
CA GLY B 61 12.01 56.73 -23.22
C GLY B 61 11.66 56.45 -21.78
N PRO B 62 12.63 56.68 -20.88
CA PRO B 62 12.40 56.43 -19.45
C PRO B 62 11.08 57.01 -18.96
N PHE B 63 10.27 56.17 -18.35
CA PHE B 63 8.90 56.53 -17.99
C PHE B 63 8.83 57.06 -16.57
N ASP B 64 7.90 57.99 -16.36
CA ASP B 64 7.59 58.52 -15.04
C ASP B 64 6.28 57.99 -14.47
N LEU B 65 5.37 57.53 -15.32
CA LEU B 65 4.06 57.04 -14.90
C LEU B 65 3.67 55.86 -15.77
N VAL B 66 3.25 54.77 -15.14
CA VAL B 66 2.81 53.57 -15.83
C VAL B 66 1.35 53.32 -15.45
N TYR B 67 0.44 53.59 -16.37
CA TYR B 67 -0.99 53.47 -16.13
C TYR B 67 -1.51 52.25 -16.88
N GLY B 68 -2.14 51.34 -16.16
CA GLY B 68 -2.86 50.25 -16.76
C GLY B 68 -4.29 50.20 -16.25
N ALA B 69 -5.17 49.63 -17.05
CA ALA B 69 -6.58 49.57 -16.68
C ALA B 69 -7.27 48.49 -17.49
N THR B 70 -8.25 47.86 -16.85
CA THR B 70 -9.03 46.82 -17.51
C THR B 70 -10.04 47.45 -18.46
N PRO B 71 -10.56 46.68 -19.43
CA PRO B 71 -11.71 47.12 -20.21
C PRO B 71 -12.86 47.56 -19.32
N PRO B 72 -13.80 48.34 -19.85
CA PRO B 72 -14.92 48.81 -19.02
C PRO B 72 -15.79 47.68 -18.52
N LEU B 73 -16.75 48.04 -17.66
CA LEU B 73 -17.58 47.04 -16.99
C LEU B 73 -18.46 46.28 -17.97
N GLY B 74 -19.05 46.97 -18.94
CA GLY B 74 -19.98 46.35 -19.85
C GLY B 74 -19.32 45.68 -21.03
N HIS B 75 -18.16 46.18 -21.44
CA HIS B 75 -17.46 45.66 -22.61
C HIS B 75 -17.12 44.18 -22.43
N THR B 76 -17.69 43.34 -23.30
CA THR B 76 -17.36 41.92 -23.28
C THR B 76 -15.87 41.75 -23.53
N CYS B 77 -15.20 41.00 -22.65
CA CYS B 77 -13.76 41.02 -22.56
C CYS B 77 -13.11 40.05 -23.53
N ASP B 78 -12.03 40.51 -24.17
CA ASP B 78 -11.21 39.62 -24.98
C ASP B 78 -10.45 38.63 -24.10
N ARG B 79 -9.69 39.16 -23.14
CA ARG B 79 -8.82 38.38 -22.27
C ARG B 79 -9.59 37.86 -21.07
N PRO B 80 -8.98 37.00 -20.25
CA PRO B 80 -9.43 36.87 -18.87
C PRO B 80 -8.97 38.09 -18.08
N PRO B 81 -9.71 38.49 -17.04
CA PRO B 81 -9.38 39.75 -16.36
C PRO B 81 -8.01 39.77 -15.71
N SER B 82 -7.49 38.61 -15.27
CA SER B 82 -6.17 38.57 -14.64
C SER B 82 -5.04 38.82 -15.63
N TRP B 83 -5.30 38.67 -16.92
CA TRP B 83 -4.27 38.91 -17.93
C TRP B 83 -3.76 40.35 -17.86
N TYR B 84 -4.67 41.30 -17.77
CA TYR B 84 -4.27 42.70 -17.72
C TYR B 84 -3.44 42.99 -16.48
N LEU B 85 -3.84 42.43 -15.33
CA LEU B 85 -3.09 42.64 -14.09
C LEU B 85 -1.68 42.05 -14.19
N PHE B 86 -1.57 40.81 -14.67
CA PHE B 86 -0.26 40.17 -14.76
C PHE B 86 0.66 40.91 -15.74
N GLN B 87 0.12 41.29 -16.91
CA GLN B 87 0.93 41.98 -17.90
C GLN B 87 1.34 43.36 -17.40
N PHE B 88 0.43 44.07 -16.73
CA PHE B 88 0.76 45.35 -16.13
C PHE B 88 1.89 45.19 -15.11
N HIS B 89 1.82 44.16 -14.27
CA HIS B 89 2.87 43.95 -13.29
C HIS B 89 4.22 43.69 -13.98
N ARG B 90 4.22 42.86 -15.02
CA ARG B 90 5.46 42.54 -15.70
C ARG B 90 6.08 43.77 -16.35
N LEU B 91 5.27 44.54 -17.09
CA LEU B 91 5.81 45.73 -17.74
C LEU B 91 6.18 46.81 -16.73
N LEU B 92 5.49 46.87 -15.58
CA LEU B 92 5.88 47.79 -14.53
C LEU B 92 7.24 47.42 -13.96
N GLN B 93 7.50 46.12 -13.78
CA GLN B 93 8.85 45.70 -13.39
C GLN B 93 9.86 46.11 -14.44
N TYR B 94 9.52 45.98 -15.73
CA TYR B 94 10.45 46.40 -16.77
C TYR B 94 10.69 47.91 -16.75
N ALA B 95 9.72 48.69 -16.30
CA ALA B 95 9.79 50.14 -16.46
C ALA B 95 10.39 50.86 -15.27
N ARG B 96 10.33 50.29 -14.07
CA ARG B 96 10.77 51.02 -12.89
C ARG B 96 12.27 51.22 -12.91
N PRO B 97 12.77 52.29 -12.28
CA PRO B 97 14.20 52.57 -12.32
C PRO B 97 15.01 51.53 -11.57
N LYS B 98 16.21 51.26 -12.08
CA LYS B 98 17.13 50.38 -11.38
C LYS B 98 17.51 51.03 -10.04
N PRO B 99 17.68 50.25 -8.98
CA PRO B 99 17.86 50.84 -7.64
C PRO B 99 19.09 51.71 -7.49
N GLY B 100 19.97 51.77 -8.50
CA GLY B 100 21.14 52.62 -8.43
C GLY B 100 20.89 54.09 -8.68
N SER B 101 19.71 54.46 -9.17
CA SER B 101 19.39 55.85 -9.48
C SER B 101 17.94 56.15 -9.12
N PRO B 102 17.70 56.58 -7.89
CA PRO B 102 16.34 56.99 -7.51
C PRO B 102 15.87 58.19 -8.30
N ARG B 103 14.57 58.25 -8.56
CA ARG B 103 13.94 59.34 -9.29
C ARG B 103 12.43 59.19 -9.15
N PRO B 104 11.67 60.27 -9.32
CA PRO B 104 10.21 60.19 -9.24
C PRO B 104 9.65 59.19 -10.24
N PHE B 105 9.00 58.15 -9.72
CA PHE B 105 8.38 57.11 -10.54
C PHE B 105 7.06 56.71 -9.90
N PHE B 106 6.00 56.66 -10.72
CA PHE B 106 4.66 56.38 -10.22
C PHE B 106 3.98 55.40 -11.17
N TRP B 107 2.92 54.77 -10.66
CA TRP B 107 2.19 53.76 -11.43
C TRP B 107 0.78 53.65 -10.86
N MET B 108 -0.14 53.20 -11.71
CA MET B 108 -1.55 53.10 -11.33
C MET B 108 -2.22 52.03 -12.17
N PHE B 109 -2.92 51.11 -11.51
CA PHE B 109 -3.71 50.08 -12.18
C PHE B 109 -5.15 50.19 -11.69
N VAL B 110 -6.09 50.31 -12.62
CA VAL B 110 -7.49 50.56 -12.30
C VAL B 110 -8.35 49.42 -12.85
N ASP B 111 -9.21 48.88 -12.00
CA ASP B 111 -10.20 47.88 -12.37
C ASP B 111 -11.60 48.49 -12.31
N ASN B 112 -12.43 48.16 -13.29
CA ASN B 112 -13.78 48.69 -13.35
C ASN B 112 -14.79 47.58 -13.01
N LEU B 113 -14.59 46.94 -11.85
CA LEU B 113 -15.43 45.82 -11.41
C LEU B 113 -15.42 44.69 -12.43
N VAL B 114 -14.25 44.44 -13.02
CA VAL B 114 -14.09 43.39 -14.02
C VAL B 114 -13.36 42.22 -13.39
N LEU B 115 -12.49 42.51 -12.43
CA LEU B 115 -11.73 41.46 -11.77
C LEU B 115 -12.63 40.65 -10.84
N ASN B 116 -12.50 39.33 -10.92
CA ASN B 116 -13.27 38.44 -10.05
C ASN B 116 -12.72 38.49 -8.63
N LYS B 117 -13.40 37.79 -7.73
CA LYS B 117 -13.08 37.89 -6.31
C LYS B 117 -11.69 37.31 -6.00
N GLU B 118 -11.32 36.23 -6.68
CA GLU B 118 -9.96 35.69 -6.50
C GLU B 118 -8.94 36.59 -7.18
N ASP B 119 -9.32 37.16 -8.33
CA ASP B 119 -8.44 38.09 -9.03
C ASP B 119 -8.14 39.30 -8.18
N LEU B 120 -9.09 39.74 -7.36
CA LEU B 120 -8.84 40.87 -6.46
C LEU B 120 -7.74 40.56 -5.47
N ASP B 121 -7.80 39.37 -4.85
CA ASP B 121 -6.78 39.00 -3.88
C ASP B 121 -5.41 38.86 -4.55
N VAL B 122 -5.37 38.22 -5.73
CA VAL B 122 -4.06 38.05 -6.37
C VAL B 122 -3.51 39.40 -6.83
N ALA B 123 -4.37 40.32 -7.26
CA ALA B 123 -3.91 41.64 -7.67
C ALA B 123 -3.39 42.43 -6.48
N SER B 124 -4.10 42.39 -5.35
CA SER B 124 -3.63 43.07 -4.16
C SER B 124 -2.32 42.49 -3.65
N ARG B 125 -2.13 41.18 -3.79
CA ARG B 125 -0.87 40.57 -3.35
C ARG B 125 0.27 40.92 -4.29
N PHE B 126 -0.01 41.00 -5.60
CA PHE B 126 1.05 41.34 -6.54
C PHE B 126 1.43 42.82 -6.46
N LEU B 127 0.46 43.69 -6.20
CA LEU B 127 0.71 45.12 -6.10
C LEU B 127 0.92 45.58 -4.66
N GLU B 128 0.94 44.66 -3.71
CA GLU B 128 1.32 44.94 -2.32
C GLU B 128 0.48 46.07 -1.71
N MET B 129 -0.80 46.07 -2.04
CA MET B 129 -1.69 47.11 -1.52
C MET B 129 -3.13 46.67 -1.69
N GLU B 130 -3.95 46.95 -0.68
CA GLU B 130 -5.39 46.74 -0.82
C GLU B 130 -5.98 47.83 -1.69
N PRO B 131 -6.90 47.50 -2.60
CA PRO B 131 -7.39 48.50 -3.56
C PRO B 131 -8.17 49.62 -2.90
N VAL B 132 -8.35 50.69 -3.67
CA VAL B 132 -9.06 51.88 -3.24
C VAL B 132 -10.36 51.96 -4.05
N THR B 133 -11.48 52.14 -3.36
CA THR B 133 -12.79 52.15 -4.00
C THR B 133 -13.19 53.59 -4.31
N ILE B 134 -13.27 53.92 -5.60
CA ILE B 134 -13.69 55.24 -6.06
C ILE B 134 -15.09 55.15 -6.65
N PRO B 135 -16.12 55.59 -5.93
CA PRO B 135 -17.48 55.44 -6.45
C PRO B 135 -18.03 56.70 -7.11
N ASP B 136 -18.92 56.51 -8.07
CA ASP B 136 -19.81 57.57 -8.56
C ASP B 136 -21.18 57.34 -7.93
N VAL B 137 -21.64 58.29 -7.13
CA VAL B 137 -22.86 58.13 -6.35
C VAL B 137 -23.74 59.36 -6.54
N HIS B 138 -24.96 59.14 -7.01
CA HIS B 138 -25.94 60.21 -7.21
C HIS B 138 -27.29 59.78 -6.64
N GLY B 139 -28.02 60.74 -6.10
CA GLY B 139 -29.30 60.46 -5.47
C GLY B 139 -29.20 59.47 -4.33
N GLY B 140 -28.05 59.38 -3.68
CA GLY B 140 -27.87 58.41 -2.63
C GLY B 140 -27.63 56.99 -3.10
N SER B 141 -27.54 56.78 -4.41
CA SER B 141 -27.36 55.46 -4.98
C SER B 141 -26.05 55.39 -5.75
N LEU B 142 -25.41 54.23 -5.69
CA LEU B 142 -24.12 54.02 -6.35
C LEU B 142 -24.35 53.59 -7.80
N GLN B 143 -23.90 54.44 -8.73
CA GLN B 143 -24.11 54.20 -10.16
C GLN B 143 -22.95 53.44 -10.80
N ASN B 144 -21.72 53.77 -10.42
CA ASN B 144 -20.54 53.13 -10.98
C ASN B 144 -19.38 53.35 -10.02
N ALA B 145 -18.34 52.54 -10.18
CA ALA B 145 -17.19 52.63 -9.30
C ALA B 145 -15.98 51.99 -9.96
N VAL B 146 -14.79 52.32 -9.43
CA VAL B 146 -13.53 51.73 -9.86
C VAL B 146 -12.68 51.44 -8.63
N ARG B 147 -11.87 50.39 -8.74
CA ARG B 147 -10.83 50.10 -7.77
C ARG B 147 -9.47 50.48 -8.36
N VAL B 148 -8.58 51.02 -7.54
CA VAL B 148 -7.27 51.44 -8.00
C VAL B 148 -6.20 50.90 -7.06
N TRP B 149 -5.06 50.53 -7.65
CA TRP B 149 -3.83 50.24 -6.92
C TRP B 149 -2.76 51.19 -7.45
N SER B 150 -2.15 51.95 -6.54
CA SER B 150 -1.20 52.96 -6.97
C SER B 150 -0.38 53.44 -5.78
N ASN B 151 0.79 54.00 -6.09
CA ASN B 151 1.62 54.68 -5.11
C ASN B 151 1.54 56.19 -5.23
N ILE B 152 0.69 56.69 -6.12
CA ILE B 152 0.39 58.13 -6.26
C ILE B 152 0.03 58.66 -4.88
N PRO B 153 0.52 59.85 -4.50
CA PRO B 153 0.59 60.18 -3.06
C PRO B 153 -0.74 60.18 -2.32
N ALA B 154 -1.77 60.83 -2.85
CA ALA B 154 -3.01 61.05 -2.11
C ALA B 154 -4.11 60.07 -2.49
N ILE B 155 -3.75 58.88 -2.96
CA ILE B 155 -4.77 58.00 -3.55
C ILE B 155 -5.53 57.18 -2.52
N ARG B 156 -4.96 56.95 -1.33
CA ARG B 156 -5.66 56.12 -0.35
C ARG B 156 -6.76 56.89 0.38
N SER B 157 -6.62 58.21 0.50
CA SER B 157 -7.64 59.02 1.15
C SER B 157 -8.88 59.23 0.28
N ARG B 158 -8.80 58.87 -1.00
CA ARG B 158 -9.95 58.95 -1.90
C ARG B 158 -10.88 57.74 -1.75
N HIS B 159 -10.68 56.92 -0.73
CA HIS B 159 -11.45 55.69 -0.55
C HIS B 159 -12.83 55.99 0.00
N TRP B 160 -13.78 55.10 -0.30
CA TRP B 160 -15.14 55.17 0.23
C TRP B 160 -15.42 53.88 0.98
N ALA B 161 -15.48 53.97 2.31
CA ALA B 161 -15.81 52.81 3.12
C ALA B 161 -17.30 52.48 3.12
N LEU B 162 -18.14 53.44 2.72
CA LEU B 162 -19.57 53.17 2.63
C LEU B 162 -19.89 52.07 1.63
N VAL B 163 -19.06 51.92 0.60
CA VAL B 163 -19.29 50.93 -0.44
C VAL B 163 -18.77 49.58 0.05
N SER B 164 -19.67 48.61 0.17
CA SER B 164 -19.29 47.26 0.56
C SER B 164 -18.98 46.43 -0.69
N GLU B 165 -18.46 45.22 -0.46
CA GLU B 165 -18.14 44.33 -1.57
C GLU B 165 -19.39 43.77 -2.23
N GLU B 166 -20.44 43.51 -1.46
CA GLU B 166 -21.67 43.00 -2.04
C GLU B 166 -22.37 44.06 -2.89
N GLU B 167 -22.34 45.32 -2.45
CA GLU B 167 -22.87 46.40 -3.27
C GLU B 167 -22.13 46.48 -4.60
N LEU B 168 -20.79 46.38 -4.55
CA LEU B 168 -20.00 46.43 -5.77
C LEU B 168 -20.32 45.26 -6.69
N SER B 169 -20.44 44.05 -6.13
CA SER B 169 -20.74 42.89 -6.96
C SER B 169 -22.14 42.95 -7.54
N LEU B 170 -23.09 43.51 -6.79
CA LEU B 170 -24.44 43.68 -7.33
C LEU B 170 -24.44 44.69 -8.48
N LEU B 171 -23.70 45.80 -8.33
CA LEU B 171 -23.54 46.72 -9.43
C LEU B 171 -22.95 46.01 -10.64
N ALA B 172 -21.93 45.19 -10.42
CA ALA B 172 -21.29 44.48 -11.53
C ALA B 172 -22.27 43.55 -12.24
N GLN B 173 -23.08 42.81 -11.46
CA GLN B 173 -24.07 41.93 -12.08
C GLN B 173 -25.15 42.73 -12.82
N ASN B 174 -25.45 43.95 -12.35
CA ASN B 174 -26.48 44.74 -13.02
C ASN B 174 -26.04 45.20 -14.40
N LYS B 175 -24.75 45.43 -14.60
CA LYS B 175 -24.25 45.85 -15.91
C LYS B 175 -23.34 44.78 -16.52
N LYS B 183 -18.66 52.80 -22.06
CA LYS B 183 -17.48 53.67 -22.05
C LYS B 183 -16.75 53.56 -20.72
N TRP B 184 -15.44 53.79 -20.75
CA TRP B 184 -14.62 53.72 -19.55
C TRP B 184 -14.80 54.99 -18.73
N PRO B 185 -15.25 54.91 -17.48
CA PRO B 185 -15.47 56.12 -16.68
C PRO B 185 -14.18 56.77 -16.21
N THR B 186 -13.45 57.41 -17.13
CA THR B 186 -12.23 58.12 -16.78
C THR B 186 -12.48 59.28 -15.83
N LYS B 187 -13.74 59.71 -15.68
CA LYS B 187 -14.08 60.77 -14.74
C LYS B 187 -13.64 60.43 -13.32
N LEU B 188 -13.71 59.16 -12.94
CA LEU B 188 -13.42 58.76 -11.56
C LEU B 188 -11.93 58.77 -11.26
N VAL B 189 -11.08 58.50 -12.26
CA VAL B 189 -9.64 58.39 -12.03
C VAL B 189 -8.88 59.64 -12.43
N LYS B 190 -9.51 60.60 -13.12
CA LYS B 190 -8.79 61.77 -13.61
C LYS B 190 -8.29 62.64 -12.47
N ASN B 191 -9.05 62.73 -11.38
CA ASN B 191 -8.65 63.56 -10.24
C ASN B 191 -7.48 62.97 -9.47
N CYS B 192 -7.23 61.66 -9.61
CA CYS B 192 -6.18 61.02 -8.83
C CYS B 192 -4.78 61.45 -9.27
N PHE B 193 -4.64 62.02 -10.46
CA PHE B 193 -3.34 62.45 -10.96
C PHE B 193 -2.96 63.85 -10.50
N LEU B 194 -3.89 64.61 -9.92
CA LEU B 194 -3.61 65.99 -9.54
C LEU B 194 -2.44 66.15 -8.58
N PRO B 195 -2.22 65.27 -7.59
CA PRO B 195 -1.02 65.42 -6.75
C PRO B 195 0.30 65.27 -7.49
N LEU B 196 0.29 64.92 -8.78
CA LEU B 196 1.52 64.76 -9.54
C LEU B 196 2.01 66.06 -10.16
N ARG B 197 1.21 67.12 -10.15
CA ARG B 197 1.66 68.39 -10.72
C ARG B 197 2.79 69.02 -9.91
N GLU B 198 2.97 68.59 -8.66
CA GLU B 198 4.10 69.05 -7.85
C GLU B 198 5.44 68.52 -8.35
N TYR B 199 5.44 67.62 -9.34
CA TYR B 199 6.65 66.98 -9.82
C TYR B 199 6.92 67.15 -11.30
N PHE B 200 5.94 67.60 -12.09
CA PHE B 200 6.09 67.68 -13.54
C PHE B 200 5.52 68.99 -14.05
N LYS B 201 5.65 69.19 -15.36
CA LYS B 201 5.33 70.47 -15.99
C LYS B 201 3.84 70.67 -16.15
N TYR B 202 3.39 71.91 -15.98
CA TYR B 202 2.02 72.31 -16.26
C TYR B 202 2.00 73.03 -17.61
N PHE B 203 1.19 72.53 -18.54
CA PHE B 203 1.02 73.13 -19.85
C PHE B 203 -0.34 73.83 -19.89
N SER B 204 -0.32 75.15 -20.04
CA SER B 204 -1.54 75.94 -20.06
C SER B 204 -1.85 76.43 -21.47
N MET C 3 -2.20 -57.18 0.83
CA MET C 3 -3.06 -58.23 1.37
C MET C 3 -2.25 -59.21 2.23
N PHE C 4 -2.96 -60.01 3.02
CA PHE C 4 -2.35 -60.99 3.91
C PHE C 4 -2.56 -62.39 3.37
N GLU C 5 -1.71 -63.31 3.82
CA GLU C 5 -1.70 -64.67 3.32
C GLU C 5 -2.60 -65.56 4.16
N THR C 6 -3.02 -66.68 3.57
CA THR C 6 -3.94 -67.60 4.22
C THR C 6 -3.30 -68.24 5.46
N VAL C 7 -4.08 -68.37 6.51
CA VAL C 7 -3.64 -68.97 7.77
C VAL C 7 -4.32 -70.34 7.89
N PRO C 8 -3.57 -71.42 8.05
CA PRO C 8 -4.18 -72.76 8.11
C PRO C 8 -5.05 -72.93 9.34
N VAL C 9 -5.94 -73.93 9.27
CA VAL C 9 -7.03 -74.06 10.23
C VAL C 9 -6.53 -74.44 11.62
N TRP C 10 -5.38 -75.12 11.70
CA TRP C 10 -4.94 -75.63 13.00
C TRP C 10 -4.52 -74.51 13.93
N ARG C 11 -3.76 -73.53 13.42
CA ARG C 11 -3.24 -72.45 14.24
C ARG C 11 -4.02 -71.15 14.10
N ARG C 12 -5.22 -71.20 13.52
CA ARG C 12 -6.08 -70.03 13.52
C ARG C 12 -6.48 -69.69 14.96
N GLN C 13 -6.11 -68.49 15.39
CA GLN C 13 -6.36 -68.05 16.76
C GLN C 13 -7.52 -67.08 16.80
N PRO C 14 -8.14 -66.90 17.97
CA PRO C 14 -9.31 -66.01 18.06
C PRO C 14 -8.95 -64.57 17.73
N VAL C 15 -9.94 -63.84 17.21
CA VAL C 15 -9.75 -62.43 16.88
C VAL C 15 -9.60 -61.62 18.17
N ARG C 16 -8.75 -60.61 18.11
CA ARG C 16 -8.67 -59.59 19.16
C ARG C 16 -9.25 -58.32 18.56
N VAL C 17 -10.50 -58.02 18.91
CA VAL C 17 -11.28 -56.98 18.25
C VAL C 17 -11.28 -55.72 19.11
N LEU C 18 -10.99 -54.60 18.47
CA LEU C 18 -11.15 -53.28 19.08
C LEU C 18 -12.38 -52.63 18.49
N SER C 19 -13.47 -52.60 19.25
CA SER C 19 -14.73 -52.00 18.82
C SER C 19 -14.85 -50.62 19.44
N LEU C 20 -14.72 -49.58 18.61
CA LEU C 20 -14.88 -48.21 19.06
C LEU C 20 -16.31 -47.75 18.86
N PHE C 21 -16.76 -46.87 19.76
CA PHE C 21 -18.11 -46.31 19.74
C PHE C 21 -19.14 -47.42 19.93
N GLU C 22 -19.82 -47.85 18.87
CA GLU C 22 -20.73 -48.98 19.01
C GLU C 22 -19.96 -50.28 19.28
N ASP C 23 -20.71 -51.29 19.72
CA ASP C 23 -20.18 -52.60 20.06
C ASP C 23 -20.72 -53.63 19.08
N ILE C 24 -19.87 -54.59 18.71
CA ILE C 24 -20.29 -55.64 17.80
C ILE C 24 -19.89 -57.00 18.37
N LYS C 25 -19.98 -57.14 19.69
CA LYS C 25 -19.73 -58.43 20.32
C LYS C 25 -20.84 -59.42 19.98
N LYS C 26 -22.10 -58.97 20.07
CA LYS C 26 -23.24 -59.84 19.79
C LYS C 26 -23.18 -60.37 18.37
N GLU C 27 -22.98 -59.50 17.39
CA GLU C 27 -22.97 -59.91 16.00
C GLU C 27 -21.79 -60.83 15.70
N LEU C 28 -20.59 -60.42 16.13
CA LEU C 28 -19.40 -61.23 15.90
C LEU C 28 -19.55 -62.62 16.48
N THR C 29 -20.00 -62.73 17.74
CA THR C 29 -20.21 -64.04 18.33
C THR C 29 -21.35 -64.79 17.66
N SER C 30 -22.29 -64.09 17.04
CA SER C 30 -23.25 -64.75 16.17
C SER C 30 -22.60 -65.34 14.93
N LEU C 31 -21.48 -64.78 14.47
CA LEU C 31 -20.78 -65.37 13.34
C LEU C 31 -19.73 -66.40 13.73
N GLY C 32 -19.49 -66.60 15.02
CA GLY C 32 -18.52 -67.59 15.45
C GLY C 32 -17.11 -67.07 15.60
N PHE C 33 -16.93 -65.77 15.81
CA PHE C 33 -15.61 -65.20 16.07
C PHE C 33 -15.32 -65.04 17.56
N LEU C 34 -16.36 -64.98 18.38
CA LEU C 34 -16.24 -64.93 19.84
C LEU C 34 -16.94 -66.14 20.43
N GLU C 35 -16.81 -66.30 21.75
CA GLU C 35 -17.49 -67.36 22.47
C GLU C 35 -17.97 -66.83 23.82
N SER C 36 -18.82 -67.61 24.47
CA SER C 36 -19.28 -67.26 25.81
C SER C 36 -18.18 -67.51 26.82
N GLY C 37 -17.97 -66.55 27.72
CA GLY C 37 -16.94 -66.65 28.73
C GLY C 37 -17.11 -65.67 29.87
N GLY C 41 -13.15 -61.91 28.03
CA GLY C 41 -13.49 -61.12 26.86
C GLY C 41 -12.32 -60.84 25.95
N GLN C 42 -12.44 -61.29 24.69
CA GLN C 42 -11.43 -61.07 23.68
C GLN C 42 -11.73 -59.83 22.83
N LEU C 43 -12.66 -58.98 23.26
CA LEU C 43 -13.09 -57.81 22.50
C LEU C 43 -13.11 -56.62 23.45
N LYS C 44 -12.24 -55.65 23.20
CA LYS C 44 -12.20 -54.42 23.98
C LYS C 44 -13.16 -53.41 23.38
N HIS C 45 -14.02 -52.85 24.22
CA HIS C 45 -15.04 -51.88 23.79
C HIS C 45 -14.88 -50.59 24.57
N VAL C 46 -14.88 -49.47 23.86
CA VAL C 46 -14.73 -48.15 24.48
C VAL C 46 -15.44 -47.14 23.60
N VAL C 47 -16.16 -46.21 24.23
CA VAL C 47 -16.98 -45.26 23.51
C VAL C 47 -16.43 -43.83 23.57
N ASP C 48 -15.67 -43.47 24.60
CA ASP C 48 -15.13 -42.12 24.77
C ASP C 48 -13.61 -42.23 24.77
N VAL C 49 -12.99 -41.89 23.64
CA VAL C 49 -11.57 -42.10 23.45
C VAL C 49 -10.79 -40.78 23.50
N THR C 50 -11.38 -39.73 24.09
CA THR C 50 -10.71 -38.43 24.12
C THR C 50 -9.47 -38.46 25.02
N ASP C 51 -9.46 -39.32 26.03
CA ASP C 51 -8.35 -39.39 26.97
C ASP C 51 -7.51 -40.65 26.82
N THR C 52 -7.92 -41.58 25.94
CA THR C 52 -7.12 -42.78 25.70
C THR C 52 -5.99 -42.47 24.73
N VAL C 53 -4.78 -42.87 25.08
CA VAL C 53 -3.60 -42.58 24.27
C VAL C 53 -3.06 -43.86 23.64
N ARG C 54 -1.89 -43.76 23.00
CA ARG C 54 -1.33 -44.90 22.29
C ARG C 54 -0.96 -46.04 23.23
N LYS C 55 -0.37 -45.70 24.39
CA LYS C 55 0.00 -46.74 25.35
C LYS C 55 -1.23 -47.48 25.85
N ASP C 56 -2.38 -46.81 25.93
CA ASP C 56 -3.62 -47.49 26.30
C ASP C 56 -4.00 -48.53 25.25
N VAL C 57 -3.79 -48.21 23.98
CA VAL C 57 -4.13 -49.14 22.90
C VAL C 57 -3.17 -50.33 22.92
N GLU C 58 -1.89 -50.09 23.19
CA GLU C 58 -0.95 -51.20 23.32
C GLU C 58 -1.27 -52.05 24.56
N GLU C 59 -1.73 -51.41 25.64
CA GLU C 59 -2.16 -52.14 26.84
C GLU C 59 -3.33 -53.06 26.52
N TRP C 60 -4.40 -52.50 25.96
CA TRP C 60 -5.56 -53.30 25.60
C TRP C 60 -5.26 -54.29 24.48
N GLY C 61 -4.25 -54.02 23.66
CA GLY C 61 -3.93 -54.86 22.54
C GLY C 61 -3.08 -56.06 22.92
N PRO C 62 -2.53 -56.76 21.91
CA PRO C 62 -2.66 -56.49 20.48
C PRO C 62 -4.07 -56.72 19.92
N PHE C 63 -4.35 -56.17 18.75
CA PHE C 63 -5.66 -56.28 18.12
C PHE C 63 -5.49 -56.78 16.69
N ASP C 64 -6.38 -57.69 16.29
CA ASP C 64 -6.45 -58.17 14.92
C ASP C 64 -7.50 -57.45 14.10
N LEU C 65 -8.41 -56.72 14.74
CA LEU C 65 -9.47 -55.99 14.03
C LEU C 65 -9.84 -54.76 14.84
N VAL C 66 -9.91 -53.61 14.15
CA VAL C 66 -10.33 -52.36 14.75
C VAL C 66 -11.62 -51.92 14.05
N TYR C 67 -12.66 -51.66 14.84
CA TYR C 67 -13.99 -51.37 14.30
C TYR C 67 -14.54 -50.10 14.93
N GLY C 68 -15.09 -49.23 14.09
CA GLY C 68 -15.74 -48.03 14.56
C GLY C 68 -16.96 -47.73 13.71
N ALA C 69 -17.91 -47.03 14.31
CA ALA C 69 -19.15 -46.72 13.62
C ALA C 69 -19.82 -45.54 14.30
N THR C 70 -20.42 -44.66 13.49
CA THR C 70 -21.12 -43.49 14.01
C THR C 70 -22.36 -43.91 14.79
N PRO C 71 -22.93 -43.00 15.59
CA PRO C 71 -24.21 -43.28 16.24
C PRO C 71 -25.31 -43.51 15.22
N PRO C 72 -26.46 -44.05 15.63
CA PRO C 72 -27.51 -44.37 14.66
C PRO C 72 -28.08 -43.14 13.99
N LEU C 73 -28.70 -43.36 12.84
CA LEU C 73 -29.48 -42.31 12.18
C LEU C 73 -30.68 -41.95 13.03
N GLY C 74 -31.03 -40.67 13.05
CA GLY C 74 -32.16 -40.21 13.82
C GLY C 74 -31.92 -40.13 15.31
N HIS C 75 -30.69 -40.36 15.76
CA HIS C 75 -30.31 -40.21 17.17
C HIS C 75 -29.27 -39.09 17.21
N THR C 76 -29.74 -37.86 17.45
CA THR C 76 -28.85 -36.71 17.48
C THR C 76 -27.77 -36.90 18.53
N CYS C 77 -26.52 -36.74 18.12
CA CYS C 77 -25.36 -37.14 18.90
C CYS C 77 -24.80 -35.97 19.70
N ASP C 78 -23.99 -36.31 20.70
CA ASP C 78 -23.24 -35.29 21.42
C ASP C 78 -22.14 -34.71 20.53
N ARG C 79 -21.34 -35.58 19.92
CA ARG C 79 -20.18 -35.17 19.14
C ARG C 79 -20.59 -34.69 17.76
N PRO C 80 -19.75 -33.86 17.13
CA PRO C 80 -19.92 -33.63 15.70
C PRO C 80 -19.62 -34.90 14.92
N PRO C 81 -20.22 -35.08 13.74
CA PRO C 81 -20.08 -36.37 13.04
C PRO C 81 -18.64 -36.71 12.68
N SER C 82 -17.82 -35.72 12.33
CA SER C 82 -16.42 -35.98 11.96
C SER C 82 -15.56 -36.42 13.15
N TRP C 83 -16.04 -36.21 14.38
CA TRP C 83 -15.26 -36.57 15.56
C TRP C 83 -15.00 -38.07 15.62
N TYR C 84 -16.04 -38.87 15.38
CA TYR C 84 -15.87 -40.31 15.40
C TYR C 84 -14.87 -40.77 14.34
N LEU C 85 -14.92 -40.15 13.17
CA LEU C 85 -14.01 -40.50 12.09
C LEU C 85 -12.56 -40.18 12.49
N PHE C 86 -12.32 -38.96 12.96
CA PHE C 86 -10.97 -38.56 13.33
C PHE C 86 -10.42 -39.43 14.46
N GLN C 87 -11.25 -39.72 15.47
CA GLN C 87 -10.78 -40.52 16.59
C GLN C 87 -10.54 -41.96 16.17
N PHE C 88 -11.39 -42.50 15.29
CA PHE C 88 -11.17 -43.84 14.77
C PHE C 88 -9.86 -43.92 14.00
N HIS C 89 -9.57 -42.90 13.18
CA HIS C 89 -8.30 -42.88 12.45
C HIS C 89 -7.12 -42.83 13.41
N ARG C 90 -7.20 -41.97 14.44
CA ARG C 90 -6.10 -41.84 15.38
C ARG C 90 -5.83 -43.15 16.11
N LEU C 91 -6.88 -43.76 16.67
CA LEU C 91 -6.68 -44.99 17.41
C LEU C 91 -6.34 -46.17 16.51
N LEU C 92 -6.78 -46.14 15.25
CA LEU C 92 -6.34 -47.15 14.29
C LEU C 92 -4.85 -47.03 14.04
N GLN C 93 -4.35 -45.80 13.92
CA GLN C 93 -2.91 -45.60 13.80
C GLN C 93 -2.19 -46.11 15.04
N TYR C 94 -2.79 -45.91 16.22
CA TYR C 94 -2.20 -46.45 17.44
C TYR C 94 -2.21 -47.97 17.47
N ALA C 95 -3.17 -48.61 16.80
CA ALA C 95 -3.32 -50.05 16.87
C ALA C 95 -2.65 -50.80 15.72
N ARG C 96 -2.20 -50.08 14.69
CA ARG C 96 -1.62 -50.75 13.53
C ARG C 96 -0.32 -51.46 13.93
N PRO C 97 -0.07 -52.67 13.42
CA PRO C 97 1.19 -53.35 13.71
C PRO C 97 2.36 -52.60 13.10
N LYS C 98 3.46 -52.56 13.86
CA LYS C 98 4.64 -51.83 13.39
C LYS C 98 5.18 -52.48 12.12
N PRO C 99 5.69 -51.69 11.17
CA PRO C 99 6.09 -52.25 9.87
C PRO C 99 7.16 -53.34 9.96
N GLY C 100 7.73 -53.58 11.13
CA GLY C 100 8.72 -54.64 11.27
C GLY C 100 8.12 -56.03 11.32
N SER C 101 6.95 -56.16 11.96
CA SER C 101 6.28 -57.45 12.15
C SER C 101 4.95 -57.45 11.41
N PRO C 102 4.91 -57.94 10.17
CA PRO C 102 3.63 -58.02 9.45
C PRO C 102 2.78 -59.18 9.96
N ARG C 103 1.49 -58.92 10.09
CA ARG C 103 0.52 -59.93 10.53
C ARG C 103 -0.86 -59.47 10.11
N PRO C 104 -1.81 -60.39 9.93
CA PRO C 104 -3.15 -60.01 9.47
C PRO C 104 -3.80 -58.99 10.40
N PHE C 105 -4.10 -57.81 9.86
CA PHE C 105 -4.68 -56.71 10.60
C PHE C 105 -5.73 -56.03 9.74
N PHE C 106 -6.98 -56.03 10.22
CA PHE C 106 -8.10 -55.51 9.45
C PHE C 106 -8.81 -54.41 10.23
N TRP C 107 -9.53 -53.56 9.50
CA TRP C 107 -10.21 -52.43 10.09
C TRP C 107 -11.45 -52.10 9.27
N MET C 108 -12.40 -51.41 9.92
CA MET C 108 -13.67 -51.10 9.29
C MET C 108 -14.33 -49.94 10.00
N PHE C 109 -14.76 -48.93 9.23
CA PHE C 109 -15.53 -47.80 9.72
C PHE C 109 -16.87 -47.76 9.00
N VAL C 110 -17.93 -47.50 9.75
CA VAL C 110 -19.30 -47.52 9.22
C VAL C 110 -19.98 -46.20 9.54
N ASP C 111 -20.75 -45.70 8.58
CA ASP C 111 -21.56 -44.49 8.75
C ASP C 111 -23.00 -44.81 8.41
N ASN C 112 -23.91 -44.55 9.34
CA ASN C 112 -25.34 -44.76 9.12
C ASN C 112 -26.01 -43.52 8.55
N LEU C 113 -25.38 -42.95 7.52
CA LEU C 113 -25.79 -41.69 6.91
C LEU C 113 -25.87 -40.58 7.97
N VAL C 114 -24.77 -40.44 8.71
CA VAL C 114 -24.62 -39.37 9.69
C VAL C 114 -23.63 -38.31 9.20
N LEU C 115 -22.55 -38.73 8.56
CA LEU C 115 -21.60 -37.79 7.98
C LEU C 115 -22.25 -37.08 6.79
N ASN C 116 -22.11 -35.76 6.74
CA ASN C 116 -22.67 -34.97 5.65
C ASN C 116 -21.73 -34.99 4.45
N LYS C 117 -22.01 -34.13 3.46
CA LYS C 117 -21.27 -34.18 2.20
C LYS C 117 -19.80 -33.87 2.41
N GLU C 118 -19.48 -32.83 3.18
CA GLU C 118 -18.10 -32.43 3.37
C GLU C 118 -17.34 -33.32 4.35
N ASP C 119 -18.06 -34.09 5.16
CA ASP C 119 -17.39 -35.07 6.01
C ASP C 119 -16.98 -36.32 5.24
N LEU C 120 -17.71 -36.65 4.16
CA LEU C 120 -17.39 -37.85 3.40
C LEU C 120 -16.10 -37.70 2.61
N ASP C 121 -15.79 -36.49 2.14
CA ASP C 121 -14.52 -36.28 1.46
C ASP C 121 -13.36 -36.48 2.42
N VAL C 122 -13.47 -35.93 3.64
CA VAL C 122 -12.46 -36.14 4.67
C VAL C 122 -12.36 -37.62 5.01
N ALA C 123 -13.50 -38.32 5.01
CA ALA C 123 -13.50 -39.75 5.27
C ALA C 123 -12.68 -40.50 4.23
N SER C 124 -13.04 -40.33 2.95
CA SER C 124 -12.33 -41.01 1.88
C SER C 124 -10.87 -40.58 1.81
N ARG C 125 -10.54 -39.39 2.31
CA ARG C 125 -9.15 -38.95 2.33
C ARG C 125 -8.35 -39.66 3.42
N PHE C 126 -8.84 -39.59 4.66
CA PHE C 126 -8.12 -40.20 5.78
C PHE C 126 -8.15 -41.73 5.74
N LEU C 127 -9.08 -42.32 5.01
CA LEU C 127 -9.19 -43.77 4.92
C LEU C 127 -8.75 -44.31 3.57
N GLU C 128 -8.44 -43.44 2.61
CA GLU C 128 -7.76 -43.81 1.38
C GLU C 128 -8.60 -44.75 0.52
N MET C 129 -9.92 -44.65 0.62
CA MET C 129 -10.81 -45.38 -0.27
C MET C 129 -12.16 -44.68 -0.29
N GLU C 130 -12.91 -44.91 -1.35
CA GLU C 130 -14.23 -44.31 -1.29
C GLU C 130 -15.24 -45.33 -0.75
N PRO C 131 -16.25 -44.85 -0.03
CA PRO C 131 -17.10 -45.77 0.75
C PRO C 131 -17.89 -46.74 -0.11
N VAL C 132 -18.36 -47.80 0.55
CA VAL C 132 -19.22 -48.81 -0.06
C VAL C 132 -20.63 -48.62 0.48
N THR C 133 -21.59 -48.44 -0.41
CA THR C 133 -22.99 -48.21 -0.04
C THR C 133 -23.68 -49.56 0.14
N ILE C 134 -24.04 -49.88 1.37
CA ILE C 134 -24.72 -51.12 1.71
C ILE C 134 -26.18 -50.78 2.04
N PRO C 135 -27.13 -51.15 1.20
CA PRO C 135 -28.52 -50.74 1.43
C PRO C 135 -29.38 -51.82 2.06
N ASP C 136 -30.61 -51.46 2.42
CA ASP C 136 -31.62 -52.40 2.90
C ASP C 136 -32.89 -52.13 2.09
N VAL C 137 -33.12 -52.92 1.04
CA VAL C 137 -34.25 -52.72 0.16
C VAL C 137 -35.35 -53.71 0.52
N HIS C 138 -36.60 -53.26 0.40
CA HIS C 138 -37.77 -54.10 0.66
C HIS C 138 -38.92 -53.56 -0.17
N GLY C 139 -39.49 -54.43 -1.01
CA GLY C 139 -40.53 -53.99 -1.92
C GLY C 139 -40.06 -52.98 -2.94
N GLY C 140 -38.78 -52.99 -3.29
CA GLY C 140 -38.25 -52.03 -4.23
C GLY C 140 -38.02 -50.65 -3.67
N SER C 141 -38.09 -50.49 -2.35
CA SER C 141 -37.92 -49.21 -1.70
C SER C 141 -36.77 -49.28 -0.70
N LEU C 142 -36.04 -48.18 -0.59
CA LEU C 142 -34.85 -48.12 0.26
C LEU C 142 -35.27 -47.78 1.68
N GLN C 143 -35.02 -48.70 2.61
CA GLN C 143 -35.43 -48.55 4.00
C GLN C 143 -34.31 -47.99 4.87
N ASN C 144 -33.07 -48.47 4.67
CA ASN C 144 -31.92 -48.01 5.42
C ASN C 144 -30.67 -48.34 4.63
N ALA C 145 -29.56 -47.75 5.05
CA ALA C 145 -28.29 -47.98 4.35
C ALA C 145 -27.14 -47.55 5.23
N VAL C 146 -25.95 -48.07 4.91
CA VAL C 146 -24.71 -47.70 5.58
C VAL C 146 -23.60 -47.56 4.55
N ARG C 147 -22.68 -46.66 4.83
CA ARG C 147 -21.43 -46.53 4.09
C ARG C 147 -20.30 -47.19 4.88
N VAL C 148 -19.42 -47.90 4.19
CA VAL C 148 -18.38 -48.70 4.84
C VAL C 148 -17.04 -48.41 4.18
N TRP C 149 -16.04 -48.08 5.00
CA TRP C 149 -14.64 -48.07 4.58
C TRP C 149 -13.94 -49.23 5.27
N SER C 150 -13.25 -50.07 4.50
CA SER C 150 -12.57 -51.21 5.10
C SER C 150 -11.58 -51.80 4.11
N ASN C 151 -10.56 -52.46 4.65
CA ASN C 151 -9.63 -53.26 3.87
C ASN C 151 -9.96 -54.74 3.92
N ILE C 152 -11.02 -55.12 4.63
CA ILE C 152 -11.54 -56.49 4.65
C ILE C 152 -11.78 -56.91 3.21
N PRO C 153 -11.34 -58.10 2.79
CA PRO C 153 -11.22 -58.40 1.36
C PRO C 153 -12.43 -58.09 0.49
N ALA C 154 -13.55 -58.77 0.71
CA ALA C 154 -14.66 -58.67 -0.23
C ALA C 154 -15.59 -57.50 0.11
N ILE C 155 -15.04 -56.44 0.71
CA ILE C 155 -15.86 -55.31 1.10
C ILE C 155 -16.29 -54.46 -0.10
N ARG C 156 -15.62 -54.61 -1.24
CA ARG C 156 -15.86 -53.74 -2.38
C ARG C 156 -16.95 -54.25 -3.31
N SER C 157 -17.21 -55.56 -3.33
CA SER C 157 -18.18 -56.14 -4.25
C SER C 157 -19.62 -56.02 -3.76
N ARG C 158 -19.83 -55.58 -2.52
CA ARG C 158 -21.17 -55.43 -1.97
C ARG C 158 -21.77 -54.05 -2.21
N HIS C 159 -21.15 -53.25 -3.07
CA HIS C 159 -21.62 -51.88 -3.31
C HIS C 159 -22.82 -51.88 -4.23
N TRP C 160 -23.76 -50.99 -3.95
CA TRP C 160 -24.98 -50.83 -4.75
C TRP C 160 -24.85 -49.52 -5.52
N ALA C 161 -24.46 -49.63 -6.80
CA ALA C 161 -24.45 -48.45 -7.67
C ALA C 161 -25.86 -47.96 -7.98
N LEU C 162 -26.86 -48.82 -7.82
CA LEU C 162 -28.25 -48.42 -8.08
C LEU C 162 -28.75 -47.39 -7.09
N VAL C 163 -28.16 -47.31 -5.89
CA VAL C 163 -28.52 -46.32 -4.89
C VAL C 163 -27.76 -45.04 -5.17
N SER C 164 -28.47 -43.97 -5.52
CA SER C 164 -27.87 -42.68 -5.78
C SER C 164 -27.70 -41.90 -4.48
N GLU C 165 -27.01 -40.76 -4.59
CA GLU C 165 -26.75 -39.94 -3.41
C GLU C 165 -27.97 -39.14 -2.98
N GLU C 166 -28.79 -38.71 -3.95
CA GLU C 166 -30.02 -38.01 -3.60
C GLU C 166 -30.97 -38.93 -2.83
N GLU C 167 -31.03 -40.20 -3.22
CA GLU C 167 -31.85 -41.17 -2.51
C GLU C 167 -31.39 -41.30 -1.05
N LEU C 168 -30.07 -41.39 -0.84
CA LEU C 168 -29.55 -41.50 0.51
C LEU C 168 -29.83 -40.23 1.32
N SER C 169 -29.67 -39.06 0.70
CA SER C 169 -29.92 -37.81 1.41
C SER C 169 -31.39 -37.69 1.81
N LEU C 170 -32.29 -38.05 0.90
CA LEU C 170 -33.73 -38.00 1.22
C LEU C 170 -34.09 -38.99 2.31
N LEU C 171 -33.50 -40.19 2.26
CA LEU C 171 -33.68 -41.17 3.33
C LEU C 171 -33.26 -40.58 4.68
N ALA C 172 -32.07 -40.00 4.72
CA ALA C 172 -31.56 -39.45 5.98
C ALA C 172 -32.44 -38.32 6.47
N GLN C 173 -32.89 -37.46 5.57
CA GLN C 173 -33.79 -36.37 5.95
C GLN C 173 -35.05 -36.91 6.60
N ASN C 174 -35.72 -37.86 5.94
CA ASN C 174 -36.97 -38.39 6.48
C ASN C 174 -36.76 -39.09 7.82
N LYS C 175 -35.75 -39.97 7.90
CA LYS C 175 -35.56 -40.75 9.11
C LYS C 175 -34.89 -39.98 10.24
N GLN C 176 -34.39 -38.77 9.99
CA GLN C 176 -34.00 -37.92 11.11
C GLN C 176 -35.11 -36.97 11.51
N SER C 177 -36.00 -36.60 10.57
CA SER C 177 -37.19 -35.86 10.96
C SER C 177 -38.15 -36.74 11.74
N SER C 178 -38.08 -38.06 11.55
CA SER C 178 -38.89 -38.96 12.36
C SER C 178 -38.32 -39.11 13.77
N LYS C 179 -37.02 -39.46 13.85
CA LYS C 179 -36.30 -39.67 15.11
C LYS C 179 -37.12 -40.38 16.19
N ALA C 182 -35.42 -45.73 16.28
CA ALA C 182 -34.57 -46.42 15.31
C ALA C 182 -33.13 -46.51 15.82
N LYS C 183 -32.62 -47.73 15.94
CA LYS C 183 -31.27 -47.98 16.41
C LYS C 183 -30.46 -48.68 15.30
N TRP C 184 -29.23 -49.07 15.64
CA TRP C 184 -28.29 -49.53 14.61
C TRP C 184 -28.79 -50.75 13.87
N PRO C 185 -28.76 -50.73 12.52
CA PRO C 185 -29.03 -51.92 11.70
C PRO C 185 -27.74 -52.69 11.39
N THR C 186 -27.27 -53.45 12.39
CA THR C 186 -26.05 -54.20 12.24
C THR C 186 -26.19 -55.38 11.28
N LYS C 187 -27.40 -55.66 10.79
CA LYS C 187 -27.59 -56.74 9.83
C LYS C 187 -26.86 -56.48 8.52
N LEU C 188 -26.62 -55.20 8.19
CA LEU C 188 -26.01 -54.86 6.91
C LEU C 188 -24.50 -55.11 6.91
N VAL C 189 -23.85 -54.97 8.06
CA VAL C 189 -22.41 -55.13 8.16
C VAL C 189 -22.02 -56.50 8.69
N LYS C 190 -22.99 -57.35 9.03
CA LYS C 190 -22.67 -58.64 9.63
C LYS C 190 -21.98 -59.56 8.62
N ASN C 191 -22.53 -59.64 7.41
CA ASN C 191 -21.93 -60.48 6.37
C ASN C 191 -20.58 -59.98 5.91
N CYS C 192 -20.19 -58.75 6.27
CA CYS C 192 -18.92 -58.19 5.84
C CYS C 192 -17.74 -58.88 6.53
N PHE C 193 -17.96 -59.49 7.70
CA PHE C 193 -16.88 -60.11 8.45
C PHE C 193 -16.62 -61.56 8.03
N LEU C 194 -17.57 -62.19 7.32
CA LEU C 194 -17.42 -63.59 6.97
C LEU C 194 -16.14 -63.90 6.20
N PRO C 195 -15.59 -63.01 5.31
CA PRO C 195 -14.33 -63.37 4.63
C PRO C 195 -13.12 -63.43 5.55
N LEU C 196 -13.34 -63.29 6.86
CA LEU C 196 -12.24 -63.28 7.82
C LEU C 196 -12.04 -64.60 8.54
N ARG C 197 -12.99 -65.54 8.47
CA ARG C 197 -12.83 -66.78 9.21
C ARG C 197 -11.73 -67.67 8.62
N GLU C 198 -11.27 -67.39 7.40
CA GLU C 198 -10.11 -68.09 6.86
C GLU C 198 -8.80 -67.56 7.42
N TYR C 199 -8.85 -66.59 8.34
CA TYR C 199 -7.67 -66.08 9.02
C TYR C 199 -7.69 -66.31 10.52
N PHE C 200 -8.85 -66.65 11.11
CA PHE C 200 -8.98 -66.79 12.55
C PHE C 200 -9.86 -68.00 12.86
N LYS C 201 -10.07 -68.25 14.14
CA LYS C 201 -10.77 -69.44 14.57
C LYS C 201 -12.29 -69.29 14.40
N TYR C 202 -12.96 -70.42 14.25
CA TYR C 202 -14.41 -70.49 14.15
C TYR C 202 -14.95 -71.29 15.32
N PHE C 203 -15.91 -70.71 16.05
CA PHE C 203 -16.49 -71.33 17.24
C PHE C 203 -17.89 -71.82 16.89
N SER C 204 -18.08 -73.14 16.94
CA SER C 204 -19.38 -73.73 16.66
C SER C 204 -20.03 -74.23 17.93
N MET D 3 27.23 -39.19 9.94
CA MET D 3 26.38 -38.38 9.10
C MET D 3 27.11 -37.13 8.58
N ARG D 4 26.60 -36.56 7.49
CA ARG D 4 27.09 -35.30 6.97
C ARG D 4 25.91 -34.35 6.83
N ARG D 5 26.05 -33.14 7.35
CA ARG D 5 24.95 -32.19 7.36
C ARG D 5 24.66 -31.70 5.94
N ARG D 6 23.44 -31.92 5.48
CA ARG D 6 22.97 -31.54 4.16
C ARG D 6 21.90 -30.46 4.27
N PRO D 7 21.57 -29.78 3.17
CA PRO D 7 20.53 -28.75 3.24
C PRO D 7 19.20 -29.30 3.71
N ILE D 8 18.38 -28.41 4.29
CA ILE D 8 17.11 -28.79 4.89
C ILE D 8 16.02 -28.77 3.82
N ARG D 9 15.06 -29.67 3.97
CA ARG D 9 13.91 -29.76 3.08
C ARG D 9 12.66 -29.55 3.92
N VAL D 10 11.87 -28.54 3.56
CA VAL D 10 10.77 -28.06 4.41
C VAL D 10 9.44 -28.23 3.67
N LEU D 11 8.44 -28.72 4.40
CA LEU D 11 7.06 -28.74 3.95
C LEU D 11 6.27 -27.81 4.86
N SER D 12 5.85 -26.66 4.33
CA SER D 12 5.15 -25.64 5.10
C SER D 12 3.69 -25.61 4.68
N LEU D 13 2.80 -26.03 5.56
CA LEU D 13 1.36 -25.96 5.33
C LEU D 13 0.80 -24.69 5.97
N PHE D 14 -0.17 -24.09 5.29
CA PHE D 14 -0.71 -22.78 5.69
C PHE D 14 0.42 -21.76 5.84
N ASP D 15 1.23 -21.67 4.77
CA ASP D 15 2.50 -20.98 4.85
C ASP D 15 2.33 -19.49 5.08
N GLY D 16 1.38 -18.86 4.38
CA GLY D 16 1.17 -17.43 4.54
C GLY D 16 2.22 -16.65 3.79
N ILE D 17 2.85 -15.69 4.47
CA ILE D 17 3.82 -14.80 3.84
C ILE D 17 5.22 -15.34 3.99
N ALA D 18 5.34 -16.67 4.06
CA ALA D 18 6.63 -17.37 4.03
C ALA D 18 7.54 -16.95 5.18
N THR D 19 6.99 -16.95 6.39
CA THR D 19 7.82 -16.70 7.56
C THR D 19 8.85 -17.79 7.76
N GLY D 20 8.47 -19.05 7.49
CA GLY D 20 9.42 -20.14 7.67
C GLY D 20 10.63 -20.04 6.76
N TYR D 21 10.38 -19.77 5.47
CA TYR D 21 11.50 -19.60 4.54
C TYR D 21 12.37 -18.42 4.94
N LEU D 22 11.73 -17.33 5.37
CA LEU D 22 12.49 -16.14 5.77
C LEU D 22 13.39 -16.44 6.96
N VAL D 23 12.88 -17.16 7.95
CA VAL D 23 13.68 -17.49 9.13
C VAL D 23 14.84 -18.41 8.74
N LEU D 24 14.57 -19.42 7.93
CA LEU D 24 15.61 -20.39 7.57
C LEU D 24 16.73 -19.73 6.77
N LYS D 25 16.37 -18.84 5.86
CA LYS D 25 17.40 -18.14 5.08
C LYS D 25 18.12 -17.08 5.89
N GLU D 26 17.43 -16.44 6.84
CA GLU D 26 18.05 -15.44 7.69
C GLU D 26 18.96 -16.04 8.75
N LEU D 27 18.77 -17.33 9.07
CA LEU D 27 19.68 -18.03 9.96
C LEU D 27 20.94 -18.52 9.25
N GLY D 28 20.96 -18.49 7.92
CA GLY D 28 22.10 -18.99 7.18
C GLY D 28 22.01 -20.45 6.79
N ILE D 29 20.82 -21.04 6.88
CA ILE D 29 20.63 -22.46 6.56
C ILE D 29 20.33 -22.60 5.08
N LYS D 30 21.01 -23.54 4.42
CA LYS D 30 20.73 -23.84 3.02
C LYS D 30 19.42 -24.62 2.93
N VAL D 31 18.46 -24.07 2.19
CA VAL D 31 17.17 -24.73 1.95
C VAL D 31 17.22 -25.38 0.58
N GLY D 32 17.21 -26.71 0.55
CA GLY D 32 17.23 -27.44 -0.70
C GLY D 32 15.89 -27.39 -1.40
N LYS D 33 14.82 -27.62 -0.64
CA LYS D 33 13.47 -27.60 -1.17
C LYS D 33 12.53 -27.03 -0.11
N TYR D 34 11.69 -26.09 -0.52
CA TYR D 34 10.69 -25.48 0.37
C TYR D 34 9.34 -25.58 -0.33
N VAL D 35 8.55 -26.56 0.05
CA VAL D 35 7.23 -26.79 -0.56
C VAL D 35 6.19 -26.19 0.38
N ALA D 36 5.56 -25.12 -0.07
CA ALA D 36 4.59 -24.38 0.73
C ALA D 36 3.19 -24.56 0.16
N SER D 37 2.21 -24.74 1.05
CA SER D 37 0.81 -24.91 0.67
C SER D 37 0.05 -23.67 1.11
N GLU D 38 -0.33 -22.82 0.14
CA GLU D 38 -1.02 -21.57 0.42
C GLU D 38 -2.12 -21.36 -0.61
N VAL D 39 -3.23 -20.79 -0.15
CA VAL D 39 -4.39 -20.57 -1.02
C VAL D 39 -4.50 -19.10 -1.41
N CYS D 40 -4.09 -18.21 -0.50
CA CYS D 40 -4.25 -16.77 -0.72
C CYS D 40 -3.26 -16.28 -1.77
N GLU D 41 -3.78 -15.65 -2.83
CA GLU D 41 -2.91 -15.20 -3.92
C GLU D 41 -2.01 -14.05 -3.49
N GLU D 42 -2.44 -13.24 -2.52
CA GLU D 42 -1.59 -12.17 -2.02
C GLU D 42 -0.40 -12.72 -1.25
N SER D 43 -0.65 -13.70 -0.37
CA SER D 43 0.44 -14.32 0.37
C SER D 43 1.40 -15.03 -0.58
N ILE D 44 0.87 -15.71 -1.59
CA ILE D 44 1.73 -16.37 -2.58
C ILE D 44 2.53 -15.34 -3.36
N ALA D 45 1.94 -14.17 -3.61
CA ALA D 45 2.64 -13.12 -4.34
C ALA D 45 3.85 -12.64 -3.57
N VAL D 46 3.68 -12.33 -2.28
CA VAL D 46 4.79 -11.81 -1.50
C VAL D 46 5.85 -12.89 -1.27
N GLY D 47 5.43 -14.15 -1.18
CA GLY D 47 6.40 -15.23 -1.05
C GLY D 47 7.13 -15.50 -2.35
N THR D 48 6.49 -15.20 -3.48
CA THR D 48 7.12 -15.44 -4.78
C THR D 48 8.19 -14.41 -5.09
N VAL D 49 7.93 -13.14 -4.77
CA VAL D 49 8.85 -12.07 -5.13
C VAL D 49 9.92 -11.87 -4.07
N LYS D 50 9.54 -11.81 -2.78
CA LYS D 50 10.51 -11.52 -1.73
C LYS D 50 11.51 -12.66 -1.53
N HIS D 51 11.24 -13.84 -2.08
CA HIS D 51 12.20 -14.94 -2.06
C HIS D 51 12.54 -15.42 -3.46
N GLU D 52 12.03 -14.73 -4.49
CA GLU D 52 12.48 -14.90 -5.88
C GLU D 52 12.32 -16.34 -6.37
N GLY D 53 11.13 -16.89 -6.17
CA GLY D 53 10.75 -18.15 -6.80
C GLY D 53 11.41 -19.40 -6.24
N ASN D 54 12.13 -19.31 -5.13
CA ASN D 54 12.71 -20.51 -4.54
C ASN D 54 11.68 -21.38 -3.84
N ILE D 55 10.46 -20.89 -3.65
CA ILE D 55 9.40 -21.64 -2.98
C ILE D 55 8.57 -22.35 -4.03
N LYS D 56 8.34 -23.65 -3.84
CA LYS D 56 7.47 -24.44 -4.69
C LYS D 56 6.07 -24.43 -4.08
N TYR D 57 5.13 -23.76 -4.74
CA TYR D 57 3.82 -23.51 -4.16
C TYR D 57 2.83 -24.60 -4.55
N VAL D 58 2.00 -25.00 -3.58
CA VAL D 58 0.94 -25.98 -3.77
C VAL D 58 -0.37 -25.37 -3.31
N ASN D 59 -1.44 -25.65 -4.04
CA ASN D 59 -2.68 -24.89 -3.86
C ASN D 59 -3.37 -25.18 -2.52
N ASP D 60 -3.99 -26.34 -2.38
CA ASP D 60 -4.82 -26.62 -1.21
C ASP D 60 -4.27 -27.83 -0.46
N VAL D 61 -4.30 -27.76 0.87
CA VAL D 61 -3.77 -28.84 1.69
C VAL D 61 -4.64 -30.08 1.59
N ARG D 62 -5.93 -29.91 1.31
CA ARG D 62 -6.83 -31.05 1.17
C ARG D 62 -6.68 -31.76 -0.17
N ASN D 63 -5.88 -31.22 -1.09
CA ASN D 63 -5.59 -31.88 -2.35
C ASN D 63 -4.20 -32.52 -2.38
N ILE D 64 -3.44 -32.40 -1.29
CA ILE D 64 -2.15 -33.07 -1.20
C ILE D 64 -2.38 -34.54 -0.91
N THR D 65 -1.94 -35.41 -1.81
CA THR D 65 -2.14 -36.84 -1.69
C THR D 65 -0.92 -37.49 -1.03
N LYS D 66 -1.03 -38.80 -0.79
CA LYS D 66 0.10 -39.52 -0.21
C LYS D 66 1.25 -39.65 -1.20
N LYS D 67 0.93 -39.86 -2.48
CA LYS D 67 1.98 -39.86 -3.49
C LYS D 67 2.62 -38.48 -3.62
N ASN D 68 1.83 -37.42 -3.42
CA ASN D 68 2.41 -36.07 -3.39
C ASN D 68 3.50 -35.96 -2.34
N ILE D 69 3.20 -36.39 -1.12
CA ILE D 69 4.21 -36.35 -0.05
C ILE D 69 5.39 -37.25 -0.39
N GLU D 70 5.13 -38.39 -1.03
CA GLU D 70 6.19 -39.36 -1.27
C GLU D 70 7.17 -38.91 -2.34
N GLU D 71 6.69 -38.19 -3.36
CA GLU D 71 7.57 -37.73 -4.43
C GLU D 71 8.08 -36.30 -4.22
N TRP D 72 7.29 -35.42 -3.61
CA TRP D 72 7.81 -34.10 -3.24
C TRP D 72 8.92 -34.20 -2.22
N GLY D 73 8.86 -35.22 -1.36
CA GLY D 73 9.84 -35.40 -0.32
C GLY D 73 11.10 -36.08 -0.79
N PRO D 74 11.89 -36.61 0.14
CA PRO D 74 11.67 -36.59 1.60
C PRO D 74 11.77 -35.18 2.21
N PHE D 75 11.11 -34.98 3.34
CA PHE D 75 11.14 -33.72 4.06
C PHE D 75 11.85 -33.91 5.39
N ASP D 76 12.60 -32.88 5.81
CA ASP D 76 13.24 -32.86 7.10
C ASP D 76 12.50 -32.03 8.13
N LEU D 77 11.74 -31.02 7.68
CA LEU D 77 11.04 -30.10 8.56
C LEU D 77 9.63 -29.89 8.04
N VAL D 78 8.63 -30.32 8.81
CA VAL D 78 7.23 -30.15 8.46
C VAL D 78 6.63 -29.14 9.43
N ILE D 79 6.37 -27.93 8.95
CA ILE D 79 5.84 -26.85 9.78
C ILE D 79 4.45 -26.48 9.29
N GLY D 80 3.62 -26.01 10.20
CA GLY D 80 2.27 -25.60 9.85
C GLY D 80 1.56 -24.80 10.92
N GLY D 81 0.72 -23.85 10.50
CA GLY D 81 -0.08 -23.07 11.41
C GLY D 81 -1.49 -22.87 10.89
N SER D 82 -2.42 -23.74 11.31
CA SER D 82 -3.77 -23.73 10.78
C SER D 82 -4.49 -22.44 11.17
N PRO D 83 -5.52 -22.05 10.42
CA PRO D 83 -6.27 -20.83 10.74
C PRO D 83 -6.89 -20.90 12.13
N CYS D 84 -7.33 -19.73 12.61
CA CYS D 84 -7.72 -19.58 14.00
C CYS D 84 -9.09 -18.94 14.22
N ASN D 85 -9.80 -18.53 13.17
CA ASN D 85 -11.06 -17.84 13.36
C ASN D 85 -12.16 -18.75 13.91
N ASP D 86 -11.97 -20.07 13.90
CA ASP D 86 -12.92 -21.01 14.48
C ASP D 86 -12.41 -21.65 15.76
N LEU D 87 -11.16 -21.41 16.13
CA LEU D 87 -10.63 -21.87 17.40
C LEU D 87 -10.53 -20.76 18.44
N SER D 88 -10.54 -19.49 18.02
CA SER D 88 -10.38 -18.39 18.94
C SER D 88 -11.62 -18.25 19.83
N ASN D 89 -11.39 -17.71 21.04
CA ASN D 89 -12.48 -17.45 21.98
C ASN D 89 -13.13 -16.10 21.76
N VAL D 90 -12.38 -15.11 21.26
CA VAL D 90 -12.93 -13.79 21.01
C VAL D 90 -13.96 -13.78 19.89
N ASN D 91 -14.04 -14.85 19.10
CA ASN D 91 -15.04 -14.94 18.04
C ASN D 91 -16.28 -15.63 18.59
N PRO D 92 -17.42 -14.94 18.70
CA PRO D 92 -18.62 -15.62 19.22
C PRO D 92 -19.14 -16.71 18.31
N ALA D 93 -19.11 -16.49 16.98
CA ALA D 93 -19.54 -17.45 15.98
C ALA D 93 -18.47 -18.50 15.65
N ARG D 94 -17.56 -18.80 16.57
CA ARG D 94 -16.59 -19.85 16.33
C ARG D 94 -17.27 -21.20 16.12
N LYS D 95 -16.66 -22.06 15.30
CA LYS D 95 -17.24 -23.36 14.94
C LYS D 95 -16.43 -24.53 15.49
N GLY D 96 -15.61 -24.27 16.51
CA GLY D 96 -14.87 -25.34 17.15
C GLY D 96 -13.75 -25.92 16.30
N LEU D 97 -13.18 -27.00 16.82
CA LEU D 97 -12.05 -27.67 16.18
C LEU D 97 -12.49 -28.66 15.10
N TYR D 98 -13.77 -29.03 15.07
CA TYR D 98 -14.23 -30.09 14.18
C TYR D 98 -15.06 -29.58 13.01
N GLU D 99 -15.46 -28.32 13.02
CA GLU D 99 -16.16 -27.71 11.89
C GLU D 99 -15.48 -26.40 11.52
N GLY D 100 -15.69 -25.98 10.28
CA GLY D 100 -15.09 -24.75 9.82
C GLY D 100 -13.60 -24.88 9.58
N THR D 101 -12.94 -23.73 9.49
CA THR D 101 -11.50 -23.71 9.23
C THR D 101 -10.70 -24.41 10.32
N GLY D 102 -11.27 -24.57 11.51
CA GLY D 102 -10.54 -25.22 12.58
C GLY D 102 -10.18 -26.66 12.26
N ARG D 103 -11.04 -27.35 11.53
CA ARG D 103 -10.81 -28.76 11.20
C ARG D 103 -9.65 -28.95 10.23
N LEU D 104 -9.11 -27.88 9.63
CA LEU D 104 -7.94 -28.01 8.78
C LEU D 104 -6.72 -28.49 9.57
N PHE D 105 -6.77 -28.42 10.91
CA PHE D 105 -5.70 -28.97 11.73
C PHE D 105 -5.46 -30.44 11.43
N PHE D 106 -6.53 -31.20 11.24
CA PHE D 106 -6.39 -32.64 11.01
C PHE D 106 -5.69 -32.93 9.69
N GLU D 107 -5.82 -32.03 8.71
CA GLU D 107 -5.05 -32.17 7.48
C GLU D 107 -3.55 -32.13 7.75
N PHE D 108 -3.13 -31.21 8.63
CA PHE D 108 -1.74 -31.21 9.10
C PHE D 108 -1.39 -32.53 9.76
N TYR D 109 -2.18 -32.95 10.75
CA TYR D 109 -1.94 -34.22 11.43
C TYR D 109 -1.91 -35.38 10.44
N HIS D 110 -2.71 -35.31 9.38
CA HIS D 110 -2.69 -36.34 8.35
C HIS D 110 -1.38 -36.34 7.59
N LEU D 111 -1.02 -35.19 7.00
CA LEU D 111 0.16 -35.12 6.15
C LEU D 111 1.45 -35.32 6.93
N LEU D 112 1.46 -34.97 8.22
CA LEU D 112 2.64 -35.20 9.04
C LEU D 112 2.97 -36.67 9.13
N ASN D 113 1.95 -37.51 9.38
CA ASN D 113 2.16 -38.95 9.40
C ASN D 113 2.57 -39.48 8.04
N TYR D 114 2.10 -38.84 6.96
CA TYR D 114 2.56 -39.22 5.62
C TYR D 114 4.03 -38.92 5.43
N SER D 115 4.52 -37.83 6.03
CA SER D 115 5.91 -37.40 5.88
C SER D 115 6.83 -38.00 6.92
N ARG D 116 6.29 -38.49 8.03
CA ARG D 116 7.11 -39.09 9.07
C ARG D 116 7.92 -40.25 8.48
N PRO D 117 9.21 -40.37 8.82
CA PRO D 117 10.01 -41.44 8.24
C PRO D 117 9.58 -42.80 8.74
N LYS D 118 9.85 -43.82 7.92
CA LYS D 118 9.56 -45.19 8.32
C LYS D 118 10.35 -45.55 9.57
N GLU D 119 9.79 -46.44 10.38
CA GLU D 119 10.38 -46.74 11.68
C GLU D 119 11.69 -47.50 11.59
N GLY D 120 12.20 -47.78 10.39
CA GLY D 120 13.52 -48.34 10.23
C GLY D 120 14.55 -47.25 9.96
N ASP D 121 14.07 -46.09 9.49
CA ASP D 121 14.94 -44.96 9.16
C ASP D 121 15.03 -44.04 10.37
N ASP D 122 16.25 -43.83 10.85
CA ASP D 122 16.51 -42.95 12.00
C ASP D 122 17.06 -41.60 11.56
N ARG D 123 16.76 -41.17 10.35
CA ARG D 123 17.21 -39.88 9.86
C ARG D 123 16.54 -38.75 10.66
N PRO D 124 17.15 -37.57 10.69
CA PRO D 124 16.53 -36.46 11.43
C PRO D 124 15.26 -35.98 10.74
N PHE D 125 14.24 -35.75 11.56
CA PHE D 125 12.93 -35.31 11.04
C PHE D 125 12.25 -34.50 12.15
N PHE D 126 12.07 -33.21 11.91
CA PHE D 126 11.45 -32.33 12.89
C PHE D 126 10.15 -31.76 12.35
N TRP D 127 9.23 -31.43 13.25
CA TRP D 127 7.94 -30.88 12.86
C TRP D 127 7.51 -29.86 13.91
N MET D 128 6.63 -28.96 13.49
CA MET D 128 6.15 -27.89 14.37
C MET D 128 4.75 -27.48 13.94
N PHE D 129 3.87 -27.34 14.93
CA PHE D 129 2.51 -26.86 14.70
C PHE D 129 2.20 -25.73 15.67
N GLU D 130 1.74 -24.61 15.14
CA GLU D 130 1.42 -23.42 15.93
C GLU D 130 -0.08 -23.18 15.93
N ASN D 131 -0.60 -22.70 17.06
CA ASN D 131 -1.97 -22.22 17.12
C ASN D 131 -2.07 -21.24 18.28
N VAL D 132 -3.27 -20.71 18.48
CA VAL D 132 -3.52 -19.62 19.41
C VAL D 132 -3.75 -20.18 20.81
N VAL D 133 -3.30 -19.42 21.81
CA VAL D 133 -3.58 -19.78 23.20
C VAL D 133 -5.06 -19.59 23.51
N ALA D 134 -5.74 -18.71 22.78
CA ALA D 134 -7.16 -18.42 23.00
C ALA D 134 -7.98 -19.50 22.30
N MET D 135 -8.23 -20.60 23.02
CA MET D 135 -9.09 -21.67 22.53
C MET D 135 -9.67 -22.39 23.73
N LYS D 136 -10.82 -23.04 23.51
CA LYS D 136 -11.41 -23.83 24.57
C LYS D 136 -10.49 -24.99 24.94
N VAL D 137 -10.53 -25.36 26.21
CA VAL D 137 -9.56 -26.35 26.73
C VAL D 137 -9.76 -27.70 26.05
N GLY D 138 -10.97 -27.98 25.56
CA GLY D 138 -11.19 -29.25 24.87
C GLY D 138 -10.45 -29.33 23.55
N ASP D 139 -10.34 -28.21 22.84
CA ASP D 139 -9.62 -28.19 21.57
C ASP D 139 -8.12 -28.38 21.78
N LYS D 140 -7.56 -27.70 22.80
CA LYS D 140 -6.15 -27.87 23.10
C LYS D 140 -5.85 -29.30 23.53
N ARG D 141 -6.74 -29.92 24.29
CA ARG D 141 -6.54 -31.31 24.69
C ARG D 141 -6.55 -32.22 23.47
N ASP D 142 -7.53 -32.06 22.59
CA ASP D 142 -7.65 -32.92 21.41
C ASP D 142 -6.45 -32.76 20.49
N ILE D 143 -5.99 -31.52 20.29
CA ILE D 143 -4.80 -31.30 19.46
C ILE D 143 -3.59 -31.98 20.08
N SER D 144 -3.44 -31.87 21.41
CA SER D 144 -2.36 -32.57 22.09
C SER D 144 -2.51 -34.08 21.98
N ARG D 145 -3.75 -34.57 21.90
CA ARG D 145 -3.96 -36.01 21.76
C ARG D 145 -3.54 -36.50 20.38
N PHE D 146 -3.86 -35.74 19.33
CA PHE D 146 -3.55 -36.19 17.98
C PHE D 146 -2.05 -36.07 17.67
N LEU D 147 -1.42 -34.97 18.11
CA LEU D 147 0.00 -34.78 17.90
C LEU D 147 0.86 -35.53 18.92
N GLU D 148 0.24 -36.16 19.93
CA GLU D 148 0.93 -37.02 20.90
C GLU D 148 1.98 -36.25 21.69
N CYS D 149 1.71 -34.98 21.99
CA CYS D 149 2.61 -34.18 22.81
C CYS D 149 1.86 -32.94 23.27
N ASN D 150 2.47 -32.21 24.20
CA ASN D 150 1.89 -31.00 24.75
C ASN D 150 2.62 -29.77 24.24
N PRO D 151 1.96 -28.62 24.15
CA PRO D 151 2.59 -27.44 23.56
C PRO D 151 3.40 -26.64 24.57
N VAL D 152 4.35 -25.87 24.04
CA VAL D 152 5.06 -24.86 24.79
C VAL D 152 4.45 -23.51 24.43
N MET D 153 4.12 -22.73 25.45
CA MET D 153 3.53 -21.42 25.24
C MET D 153 4.64 -20.38 25.14
N ILE D 154 4.71 -19.71 23.99
CA ILE D 154 5.69 -18.67 23.74
C ILE D 154 4.95 -17.39 23.39
N ASP D 155 5.25 -16.32 24.10
CA ASP D 155 4.63 -15.02 23.88
C ASP D 155 5.62 -14.11 23.16
N ALA D 156 5.18 -13.52 22.04
CA ALA D 156 6.04 -12.64 21.28
C ALA D 156 6.42 -11.37 22.04
N ILE D 157 5.72 -11.05 23.14
CA ILE D 157 6.02 -9.84 23.89
C ILE D 157 7.43 -9.87 24.46
N LYS D 158 8.02 -11.05 24.63
CA LYS D 158 9.37 -11.12 25.18
C LYS D 158 10.43 -10.74 24.16
N VAL D 159 10.12 -10.78 22.87
CA VAL D 159 11.12 -10.50 21.82
C VAL D 159 10.56 -9.55 20.78
N SER D 160 9.36 -9.01 21.03
CA SER D 160 8.72 -8.09 20.09
C SER D 160 7.96 -7.03 20.87
N ALA D 161 7.36 -6.10 20.14
CA ALA D 161 6.69 -4.95 20.72
C ALA D 161 5.19 -5.15 20.86
N ALA D 162 4.69 -6.37 20.72
CA ALA D 162 3.25 -6.63 20.77
C ALA D 162 2.97 -7.92 21.49
N HIS D 163 1.82 -7.97 22.16
CA HIS D 163 1.32 -9.21 22.71
C HIS D 163 1.00 -10.21 21.60
N ARG D 164 1.42 -11.45 21.80
CA ARG D 164 1.09 -12.52 20.87
C ARG D 164 1.46 -13.88 21.48
N ALA D 165 0.53 -14.47 22.22
CA ALA D 165 0.76 -15.73 22.91
C ALA D 165 0.26 -16.87 22.03
N ARG D 166 1.13 -17.84 21.76
CA ARG D 166 0.81 -18.93 20.86
C ARG D 166 1.32 -20.24 21.43
N TYR D 167 0.55 -21.31 21.23
CA TYR D 167 0.97 -22.66 21.57
C TYR D 167 1.78 -23.26 20.43
N PHE D 168 2.86 -23.95 20.77
CA PHE D 168 3.72 -24.60 19.79
C PHE D 168 3.91 -26.06 20.17
N TRP D 169 3.32 -26.96 19.38
CA TRP D 169 3.64 -28.37 19.45
C TRP D 169 4.81 -28.66 18.50
N GLY D 170 5.62 -29.64 18.86
CA GLY D 170 6.69 -30.04 17.99
C GLY D 170 7.76 -30.85 18.71
N ASN D 171 8.76 -31.23 17.93
CA ASN D 171 9.93 -31.96 18.42
C ASN D 171 11.22 -31.21 18.11
N LEU D 172 11.15 -29.90 17.92
CA LEU D 172 12.34 -29.12 17.59
C LEU D 172 13.30 -29.14 18.77
N PRO D 173 14.61 -29.17 18.52
CA PRO D 173 15.58 -29.19 19.62
C PRO D 173 15.46 -27.94 20.49
N GLY D 174 15.34 -28.16 21.80
CA GLY D 174 15.32 -27.04 22.73
C GLY D 174 14.11 -26.14 22.59
N MET D 175 12.93 -26.73 22.35
CA MET D 175 11.72 -25.93 22.27
C MET D 175 11.37 -25.32 23.62
N ASN D 176 11.76 -25.96 24.72
CA ASN D 176 11.38 -25.55 26.06
C ASN D 176 12.40 -24.62 26.71
N ARG D 177 13.51 -24.33 26.04
CA ARG D 177 14.50 -23.45 26.62
C ARG D 177 13.96 -22.03 26.73
N PRO D 178 14.45 -21.25 27.69
CA PRO D 178 13.88 -19.90 27.89
C PRO D 178 14.22 -18.96 26.75
N VAL D 179 13.22 -18.20 26.32
CA VAL D 179 13.42 -17.21 25.27
C VAL D 179 14.24 -16.05 25.80
N ILE D 180 15.33 -15.73 25.10
CA ILE D 180 16.15 -14.58 25.42
C ILE D 180 16.22 -13.68 24.19
N ALA D 181 16.04 -12.38 24.39
CA ALA D 181 15.98 -11.45 23.28
C ALA D 181 17.39 -11.06 22.83
N SER D 182 17.45 -10.38 21.69
CA SER D 182 18.69 -9.87 21.14
C SER D 182 18.66 -8.35 21.11
N LYS D 183 19.84 -7.75 20.98
CA LYS D 183 19.91 -6.30 20.89
C LYS D 183 19.26 -5.78 19.61
N ASN D 184 19.25 -6.60 18.55
CA ASN D 184 18.57 -6.23 17.33
C ASN D 184 17.05 -6.29 17.46
N ASP D 185 16.55 -7.06 18.42
CA ASP D 185 15.11 -7.16 18.62
C ASP D 185 14.54 -5.84 19.13
N LYS D 186 13.41 -5.43 18.55
CA LYS D 186 12.76 -4.17 18.88
C LYS D 186 11.67 -4.46 19.90
N LEU D 187 11.96 -4.19 21.17
CA LEU D 187 11.06 -4.62 22.23
C LEU D 187 9.95 -3.61 22.49
N GLU D 188 10.25 -2.31 22.36
CA GLU D 188 9.27 -1.28 22.64
C GLU D 188 8.67 -0.73 21.35
N LEU D 189 7.44 -0.24 21.46
CA LEU D 189 6.74 0.24 20.27
C LEU D 189 7.46 1.43 19.65
N GLN D 190 8.05 2.29 20.49
CA GLN D 190 8.79 3.44 19.97
C GLN D 190 9.98 3.02 19.12
N ASP D 191 10.52 1.82 19.34
CA ASP D 191 11.61 1.33 18.52
C ASP D 191 11.18 0.96 17.11
N CYS D 192 9.88 0.96 16.82
CA CYS D 192 9.36 0.52 15.54
C CYS D 192 8.68 1.62 14.73
N LEU D 193 8.64 2.85 15.24
CA LEU D 193 7.92 3.91 14.57
C LEU D 193 8.84 4.71 13.67
N GLU D 194 8.24 5.37 12.67
CA GLU D 194 8.97 6.20 11.73
C GLU D 194 9.35 7.53 12.40
N TYR D 195 9.85 8.46 11.61
CA TYR D 195 10.31 9.74 12.15
C TYR D 195 9.14 10.56 12.67
N ASN D 196 9.38 11.28 13.77
CA ASN D 196 8.41 12.18 14.39
C ASN D 196 7.11 11.44 14.73
N ARG D 197 7.28 10.31 15.42
CA ARG D 197 6.14 9.51 15.89
C ARG D 197 6.42 9.06 17.31
N ILE D 198 5.46 9.27 18.19
CA ILE D 198 5.61 8.96 19.61
C ILE D 198 4.65 7.82 19.96
N ALA D 199 5.11 6.91 20.83
CA ALA D 199 4.32 5.77 21.25
C ALA D 199 3.78 6.02 22.66
N LYS D 200 2.45 6.10 22.78
CA LYS D 200 1.85 6.25 24.09
C LYS D 200 1.95 4.97 24.91
N LEU D 201 1.87 3.82 24.27
CA LEU D 201 2.06 2.53 24.91
C LEU D 201 3.47 2.02 24.64
N LYS D 202 3.92 1.12 25.50
CA LYS D 202 5.23 0.48 25.32
C LYS D 202 5.14 -0.90 24.69
N LYS D 203 3.99 -1.57 24.82
CA LYS D 203 3.69 -2.79 24.08
C LYS D 203 2.24 -2.73 23.66
N VAL D 204 1.99 -2.85 22.36
CA VAL D 204 0.63 -2.80 21.84
C VAL D 204 -0.04 -4.16 22.01
N GLN D 205 -1.37 -4.15 22.14
CA GLN D 205 -2.10 -5.37 22.44
C GLN D 205 -2.14 -6.29 21.21
N THR D 206 -2.61 -7.52 21.44
CA THR D 206 -2.56 -8.57 20.43
C THR D 206 -3.20 -8.12 19.12
N ILE D 207 -2.46 -8.29 18.02
CA ILE D 207 -2.84 -7.76 16.72
C ILE D 207 -3.51 -8.87 15.92
N THR D 208 -4.72 -8.60 15.44
CA THR D 208 -5.47 -9.53 14.61
C THR D 208 -5.69 -8.91 13.22
N THR D 209 -6.59 -9.53 12.45
CA THR D 209 -6.79 -9.12 11.06
C THR D 209 -7.56 -7.81 10.94
N LYS D 210 -8.30 -7.41 11.96
CA LYS D 210 -9.19 -6.26 11.86
C LYS D 210 -8.50 -4.99 12.33
N SER D 211 -9.13 -3.86 12.02
CA SER D 211 -8.60 -2.54 12.39
C SER D 211 -8.96 -2.20 13.83
N ASN D 219 -8.48 3.75 23.70
CA ASN D 219 -7.52 4.37 22.79
C ASN D 219 -6.38 3.42 22.44
N GLN D 220 -6.73 2.16 22.15
CA GLN D 220 -5.78 1.19 21.63
C GLN D 220 -5.75 1.15 20.11
N LEU D 221 -6.84 1.57 19.46
CA LEU D 221 -6.83 1.69 18.01
C LEU D 221 -5.97 2.85 17.53
N PHE D 222 -5.73 3.85 18.38
CA PHE D 222 -4.89 5.00 18.06
C PHE D 222 -3.72 5.02 19.04
N PRO D 223 -2.68 4.22 18.78
CA PRO D 223 -1.59 4.08 19.74
C PRO D 223 -0.38 4.97 19.50
N VAL D 224 -0.37 5.78 18.44
CA VAL D 224 0.72 6.72 18.21
C VAL D 224 0.15 8.14 18.22
N VAL D 225 1.00 9.10 18.57
CA VAL D 225 0.64 10.51 18.56
C VAL D 225 1.71 11.25 17.74
N MET D 226 1.27 11.99 16.74
CA MET D 226 2.17 12.69 15.82
C MET D 226 1.71 14.13 15.68
N ASN D 227 2.59 15.06 16.07
CA ASN D 227 2.31 16.49 16.00
C ASN D 227 1.01 16.85 16.73
N GLY D 228 0.81 16.23 17.89
CA GLY D 228 -0.31 16.55 18.75
C GLY D 228 -1.62 15.86 18.43
N LYS D 229 -1.69 15.12 17.33
CA LYS D 229 -2.89 14.38 16.95
C LYS D 229 -2.58 12.89 16.93
N GLU D 230 -3.50 12.08 17.47
CA GLU D 230 -3.32 10.64 17.49
C GLU D 230 -3.41 10.07 16.08
N ASP D 231 -2.90 8.85 15.93
CA ASP D 231 -2.90 8.20 14.62
C ASP D 231 -2.74 6.70 14.82
N VAL D 232 -3.12 5.95 13.79
CA VAL D 232 -2.93 4.51 13.76
C VAL D 232 -1.53 4.22 13.24
N LEU D 233 -1.12 2.97 13.25
CA LEU D 233 0.22 2.60 12.83
C LEU D 233 0.26 2.42 11.32
N TRP D 234 1.42 2.68 10.74
CA TRP D 234 1.63 2.48 9.31
C TRP D 234 2.10 1.05 9.04
N CYS D 235 1.99 0.65 7.77
CA CYS D 235 2.34 -0.72 7.40
C CYS D 235 3.80 -1.04 7.73
N THR D 236 4.70 -0.08 7.50
CA THR D 236 6.10 -0.30 7.85
C THR D 236 6.27 -0.50 9.35
N GLU D 237 5.52 0.26 10.15
CA GLU D 237 5.60 0.10 11.60
C GLU D 237 5.06 -1.26 12.03
N LEU D 238 4.02 -1.75 11.36
CA LEU D 238 3.48 -3.07 11.68
C LEU D 238 4.48 -4.17 11.32
N GLU D 239 5.16 -4.04 10.18
CA GLU D 239 6.16 -5.02 9.80
C GLU D 239 7.31 -5.07 10.81
N ARG D 240 7.70 -3.90 11.34
CA ARG D 240 8.74 -3.87 12.36
C ARG D 240 8.26 -4.51 13.65
N ILE D 241 7.00 -4.29 14.01
CA ILE D 241 6.46 -4.89 15.22
C ILE D 241 6.50 -6.41 15.12
N PHE D 242 6.04 -6.96 14.00
CA PHE D 242 6.10 -8.39 13.79
C PHE D 242 7.50 -8.88 13.46
N GLY D 243 8.46 -7.97 13.28
CA GLY D 243 9.85 -8.33 13.05
C GLY D 243 10.23 -8.57 11.61
N PHE D 244 9.29 -8.43 10.67
CA PHE D 244 9.60 -8.65 9.28
C PHE D 244 10.49 -7.52 8.74
N PRO D 245 11.26 -7.80 7.69
CA PRO D 245 12.01 -6.71 7.04
C PRO D 245 11.05 -5.63 6.55
N VAL D 246 11.47 -4.37 6.69
CA VAL D 246 10.63 -3.27 6.26
C VAL D 246 10.34 -3.41 4.77
N HIS D 247 9.08 -3.14 4.40
CA HIS D 247 8.59 -3.27 3.03
C HIS D 247 8.51 -4.73 2.59
N TYR D 248 8.33 -5.65 3.54
CA TYR D 248 8.18 -7.06 3.19
C TYR D 248 6.87 -7.31 2.47
N THR D 249 5.81 -6.60 2.86
CA THR D 249 4.49 -6.78 2.28
C THR D 249 4.12 -5.68 1.29
N ASP D 250 5.09 -4.85 0.87
CA ASP D 250 4.85 -3.83 -0.15
C ASP D 250 4.90 -4.50 -1.52
N VAL D 251 3.91 -5.36 -1.77
CA VAL D 251 3.85 -6.18 -2.96
C VAL D 251 2.45 -6.12 -3.55
N SER D 252 2.38 -6.07 -4.89
CA SER D 252 1.15 -6.31 -5.64
C SER D 252 0.07 -5.29 -5.30
N ASN D 253 0.46 -4.02 -5.21
CA ASN D 253 -0.47 -2.90 -5.04
C ASN D 253 -1.33 -3.07 -3.79
N MET D 254 -0.83 -3.81 -2.80
CA MET D 254 -1.60 -4.03 -1.59
C MET D 254 -1.64 -2.77 -0.74
N GLY D 255 -2.81 -2.50 -0.15
CA GLY D 255 -3.01 -1.33 0.67
C GLY D 255 -2.98 -1.65 2.16
N ARG D 256 -3.45 -0.70 2.94
CA ARG D 256 -3.49 -0.85 4.39
C ARG D 256 -4.26 -2.10 4.80
N GLY D 257 -5.40 -2.35 4.16
CA GLY D 257 -6.23 -3.48 4.55
C GLY D 257 -5.57 -4.82 4.26
N ALA D 258 -5.09 -5.00 3.02
CA ALA D 258 -4.52 -6.28 2.64
C ALA D 258 -3.24 -6.58 3.41
N ARG D 259 -2.38 -5.59 3.58
CA ARG D 259 -1.12 -5.83 4.27
C ARG D 259 -1.35 -6.10 5.75
N GLN D 260 -2.27 -5.38 6.39
CA GLN D 260 -2.56 -5.66 7.80
C GLN D 260 -3.25 -7.01 7.96
N LYS D 261 -3.99 -7.47 6.95
CA LYS D 261 -4.59 -8.79 7.01
C LYS D 261 -3.53 -9.88 7.00
N LEU D 262 -2.54 -9.75 6.11
CA LEU D 262 -1.50 -10.77 6.03
C LEU D 262 -0.62 -10.76 7.27
N LEU D 263 -0.27 -9.57 7.79
CA LEU D 263 0.56 -9.51 8.98
C LEU D 263 -0.22 -9.89 10.22
N GLY D 264 -1.54 -9.71 10.21
CA GLY D 264 -2.34 -10.02 11.39
C GLY D 264 -2.40 -11.48 11.72
N ARG D 265 -2.27 -12.35 10.71
CA ARG D 265 -2.36 -13.80 10.90
C ARG D 265 -1.01 -14.49 10.68
N SER D 266 0.08 -13.73 10.70
CA SER D 266 1.41 -14.28 10.47
C SER D 266 2.11 -14.57 11.78
N TRP D 267 3.23 -15.29 11.69
CA TRP D 267 4.06 -15.57 12.84
C TRP D 267 4.92 -14.38 13.20
N SER D 268 5.21 -14.23 14.48
CA SER D 268 6.21 -13.26 14.93
C SER D 268 7.60 -13.85 14.66
N VAL D 269 8.27 -13.35 13.63
CA VAL D 269 9.50 -13.96 13.13
C VAL D 269 10.61 -14.02 14.17
N PRO D 270 10.71 -13.12 15.17
CA PRO D 270 11.69 -13.39 16.25
C PRO D 270 11.39 -14.66 17.02
N VAL D 271 10.10 -14.96 17.24
CA VAL D 271 9.74 -16.21 17.91
C VAL D 271 10.13 -17.41 17.07
N ILE D 272 9.94 -17.32 15.75
CA ILE D 272 10.27 -18.45 14.88
C ILE D 272 11.77 -18.62 14.75
N ARG D 273 12.53 -17.51 14.81
CA ARG D 273 13.99 -17.65 14.80
C ARG D 273 14.48 -18.27 16.10
N HIS D 274 13.78 -18.01 17.21
CA HIS D 274 14.13 -18.68 18.46
C HIS D 274 13.93 -20.19 18.34
N LEU D 275 12.84 -20.62 17.70
CA LEU D 275 12.55 -22.04 17.57
C LEU D 275 13.47 -22.69 16.55
N PHE D 276 13.77 -22.01 15.46
CA PHE D 276 14.55 -22.59 14.37
C PHE D 276 16.05 -22.43 14.55
N ALA D 277 16.50 -21.65 15.53
CA ALA D 277 17.93 -21.45 15.71
C ALA D 277 18.69 -22.73 16.04
N PRO D 278 18.20 -23.64 16.89
CA PRO D 278 18.92 -24.90 17.11
C PRO D 278 19.01 -25.78 15.86
N LEU D 279 18.33 -25.42 14.77
CA LEU D 279 18.35 -26.26 13.58
C LEU D 279 19.67 -26.17 12.82
N LYS D 280 20.49 -25.16 13.10
CA LYS D 280 21.78 -25.03 12.42
C LYS D 280 22.70 -26.21 12.69
N ASP D 281 22.47 -26.94 13.79
CA ASP D 281 23.34 -28.05 14.17
C ASP D 281 23.06 -29.33 13.39
N TYR D 282 21.97 -29.39 12.64
CA TYR D 282 21.59 -30.61 11.93
C TYR D 282 21.58 -30.48 10.41
N PHE D 283 21.77 -29.28 9.88
CA PHE D 283 21.67 -29.09 8.44
C PHE D 283 22.77 -28.14 7.96
N ALA D 284 23.09 -28.24 6.67
CA ALA D 284 24.19 -27.47 6.10
C ALA D 284 23.89 -25.98 6.14
N CYS D 285 24.95 -25.19 6.40
CA CYS D 285 24.82 -23.74 6.45
C CYS D 285 25.87 -23.09 5.56
N GLU D 286 26.03 -21.78 5.69
CA GLU D 286 27.08 -21.06 4.97
C GLU D 286 27.99 -20.31 5.94
#